data_7L1D
#
_entry.id   7L1D
#
_cell.length_a   72.282
_cell.length_b   72.282
_cell.length_c   475.730
_cell.angle_alpha   90.000
_cell.angle_beta   90.000
_cell.angle_gamma   90.000
#
_symmetry.space_group_name_H-M   'P 43 21 2'
#
loop_
_entity.id
_entity.type
_entity.pdbx_description
1 polymer 'HLA class I histocompatibility antigen, A alpha chain'
2 polymer Beta-2-microglobulin
3 polymer 'Mutant PIK3CA peptide'
4 polymer 'T cell receptor, alpha chain'
5 polymer 'T cell receptor, beta chain'
6 non-polymer 'ACETATE ION'
7 non-polymer GLYCEROL
#
loop_
_entity_poly.entity_id
_entity_poly.type
_entity_poly.pdbx_seq_one_letter_code
_entity_poly.pdbx_strand_id
1 'polypeptide(L)'
;GSHSMRYFFTSVSRPGRGEPRFIAVGYVDDTQFVRFDSDAASQRMEPRAPWIEQEGPEYWDQETRNVKAQSQTDRVDLGT
LRGYYNQSEAGSHTIQIMYGCDVGSDGRFLRGYRQDAYDGKDYIALNEDLRSWTAADMAAQITKRKWEAAHEAEQLRAYL
DGTCVEWLRRYLENGKETLQRTDPPKTHMTHHPISDHEATLRCWALGFYPAEITLTWQRDGEDQTQDTELVETRPAGDGT
FQKWAAVVVPSGEEQRYTCHVQHEGLPKPLTLRW
;
A
2 'polypeptide(L)'
;MIQRTPKIQVYSRHPAENGKSNFLNCYVSGFHPSDIEVDLLKNGERIEKVEHSDLSFSKDWSFYLLYYTEFTPTEKDEYA
CRVNHVTLSQPKIVKWDRDM
;
B
3 'polypeptide(L)' ALHGGWTTK C
4 'polypeptide(L)'
;MQKEVEQNSGPLSVPEGAIASLNCTYSDRGSQSFFWYRQYSGKSPELIMSIYSNGDKEDGRFTAQLNKASQYVSLLIRDS
QPSDSATYLCAGNTGTASKLTFGTGTRLQVTLNIQNPDPAVYQLRDSKSSDKSVCLFTDFDSQTNVSQSKDSDVYITDKC
VLDMRSMDFKSNSAVAWSNKSDFACANAFNNSIIPEDTFFPSPESS
;
D
5 'polypeptide(L)'
;MDSGVTQTPKHLITATGQRVTLRCSPRSGDLSVYWYQQSLDQGLQFLIQYYNGEERAKGNILERFSAQQFPDLHSELNLS
SLELGDSALYFCASSGLAGGPVSGANVLTFGAGSRLTVLEDLNKVFPPEVAVFEPSEAEISHTQKATLVCLATGFFPDHV
ELSWWVNGKEVHSGVCTDPQPLKEQPALNDSRYSLSSRLRVSATFWQNPRNHFRCQVQFYGLSENDEWTQDRAKPVTQIV
SAEAWGRAD
;
E
#
# COMPACT_ATOMS: atom_id res chain seq x y z
N GLY A 1 -9.36 14.70 -2.51
CA GLY A 1 -8.02 14.48 -3.00
C GLY A 1 -6.95 15.09 -2.12
N SER A 2 -5.70 14.75 -2.39
CA SER A 2 -4.58 15.28 -1.62
C SER A 2 -4.06 16.56 -2.25
N HIS A 3 -3.26 17.30 -1.48
CA HIS A 3 -2.73 18.59 -1.90
C HIS A 3 -1.26 18.66 -1.50
N SER A 4 -0.56 19.64 -2.06
CA SER A 4 0.87 19.78 -1.81
C SER A 4 1.29 21.23 -2.00
N MET A 5 2.28 21.64 -1.21
CA MET A 5 2.91 22.95 -1.33
C MET A 5 4.40 22.74 -1.56
N ARG A 6 4.97 23.47 -2.52
CA ARG A 6 6.36 23.28 -2.89
C ARG A 6 7.02 24.63 -3.16
N TYR A 7 8.33 24.68 -2.94
CA TYR A 7 9.15 25.85 -3.19
C TYR A 7 10.33 25.44 -4.07
N PHE A 8 10.59 26.24 -5.10
CA PHE A 8 11.67 26.02 -6.06
C PHE A 8 12.63 27.20 -6.04
N PHE A 9 13.92 26.90 -6.02
CA PHE A 9 14.97 27.91 -5.96
C PHE A 9 16.03 27.59 -7.00
N THR A 10 16.46 28.61 -7.73
CA THR A 10 17.49 28.46 -8.75
C THR A 10 18.50 29.58 -8.58
N SER A 11 19.77 29.21 -8.39
CA SER A 11 20.88 30.15 -8.30
C SER A 11 21.88 29.86 -9.41
N VAL A 12 22.19 30.87 -10.21
CA VAL A 12 23.08 30.74 -11.36
C VAL A 12 24.24 31.71 -11.18
N SER A 13 25.45 31.17 -11.12
CA SER A 13 26.65 32.00 -11.04
C SER A 13 26.96 32.57 -12.42
N ARG A 14 26.96 33.90 -12.53
CA ARG A 14 27.32 34.60 -13.76
C ARG A 14 28.56 35.45 -13.49
N PRO A 15 29.74 34.84 -13.55
CA PRO A 15 30.96 35.56 -13.13
C PRO A 15 31.28 36.72 -14.06
N GLY A 16 31.73 37.82 -13.46
CA GLY A 16 31.99 39.04 -14.20
C GLY A 16 30.76 39.90 -14.40
N ARG A 17 29.57 39.30 -14.45
CA ARG A 17 28.32 40.01 -14.65
C ARG A 17 27.63 40.33 -13.34
N GLY A 18 28.37 40.39 -12.24
CA GLY A 18 27.80 40.71 -10.94
C GLY A 18 27.59 39.48 -10.09
N GLU A 19 26.80 39.67 -9.04
CA GLU A 19 26.49 38.59 -8.12
C GLU A 19 25.54 37.59 -8.77
N PRO A 20 25.50 36.36 -8.26
CA PRO A 20 24.69 35.32 -8.91
C PRO A 20 23.22 35.69 -9.00
N ARG A 21 22.60 35.22 -10.08
CA ARG A 21 21.15 35.36 -10.25
C ARG A 21 20.43 34.37 -9.34
N PHE A 22 19.35 34.82 -8.71
CA PHE A 22 18.59 33.99 -7.79
C PHE A 22 17.10 34.18 -8.04
N ILE A 23 16.39 33.09 -8.30
CA ILE A 23 14.97 33.10 -8.59
C ILE A 23 14.28 32.06 -7.71
N ALA A 24 13.24 32.49 -7.00
CA ALA A 24 12.48 31.62 -6.11
C ALA A 24 11.00 31.70 -6.46
N VAL A 25 10.35 30.54 -6.48
CA VAL A 25 8.95 30.43 -6.87
C VAL A 25 8.23 29.49 -5.90
N GLY A 26 7.01 29.86 -5.53
CA GLY A 26 6.21 29.03 -4.66
C GLY A 26 4.92 28.55 -5.30
N TYR A 27 4.66 27.24 -5.21
CA TYR A 27 3.49 26.63 -5.83
C TYR A 27 2.61 25.98 -4.77
N VAL A 28 1.30 26.13 -4.94
CA VAL A 28 0.30 25.33 -4.24
C VAL A 28 -0.35 24.44 -5.31
N ASP A 29 0.17 23.23 -5.41
CA ASP A 29 -0.35 22.07 -6.13
C ASP A 29 -0.29 22.17 -7.64
N ASP A 30 -0.50 23.36 -8.19
CA ASP A 30 -0.09 23.68 -9.56
C ASP A 30 -0.03 25.18 -9.74
N THR A 31 -0.36 25.94 -8.70
CA THR A 31 -0.68 27.35 -8.83
C THR A 31 0.41 28.18 -8.17
N GLN A 32 1.09 28.99 -8.98
CA GLN A 32 2.16 29.85 -8.48
C GLN A 32 1.55 31.00 -7.69
N PHE A 33 1.95 31.14 -6.42
CA PHE A 33 1.39 32.19 -5.57
C PHE A 33 2.42 33.16 -5.02
N VAL A 34 3.71 32.84 -5.03
CA VAL A 34 4.75 33.77 -4.62
C VAL A 34 5.95 33.62 -5.53
N ARG A 35 6.73 34.69 -5.66
CA ARG A 35 7.92 34.67 -6.49
C ARG A 35 8.91 35.71 -5.99
N PHE A 36 10.17 35.53 -6.37
CA PHE A 36 11.23 36.46 -6.00
C PHE A 36 12.34 36.39 -7.05
N ASP A 37 12.74 37.55 -7.56
CA ASP A 37 13.81 37.66 -8.54
C ASP A 37 14.90 38.56 -7.97
N SER A 38 16.14 38.06 -7.96
CA SER A 38 17.26 38.84 -7.43
C SER A 38 17.55 40.07 -8.30
N ASP A 39 17.05 40.12 -9.53
CA ASP A 39 17.20 41.28 -10.39
C ASP A 39 15.95 42.14 -10.46
N ALA A 40 14.90 41.77 -9.72
CA ALA A 40 13.69 42.58 -9.69
C ALA A 40 13.93 43.87 -8.90
N ALA A 41 13.14 44.89 -9.23
CA ALA A 41 13.32 46.20 -8.61
C ALA A 41 12.81 46.21 -7.17
N SER A 42 11.76 45.45 -6.87
CA SER A 42 11.16 45.51 -5.54
C SER A 42 12.06 44.89 -4.49
N GLN A 43 12.78 43.83 -4.85
CA GLN A 43 13.59 43.06 -3.91
C GLN A 43 12.75 42.54 -2.74
N ARG A 44 11.49 42.19 -3.01
CA ARG A 44 10.56 41.72 -2.00
C ARG A 44 9.88 40.45 -2.50
N MET A 45 9.28 39.72 -1.56
CA MET A 45 8.46 38.57 -1.92
C MET A 45 7.16 39.07 -2.54
N GLU A 46 6.92 38.71 -3.80
CA GLU A 46 5.79 39.27 -4.51
C GLU A 46 4.69 38.23 -4.69
N PRO A 47 3.42 38.63 -4.61
CA PRO A 47 2.32 37.70 -4.83
C PRO A 47 2.09 37.43 -6.31
N ARG A 48 1.61 36.22 -6.59
CA ARG A 48 1.25 35.81 -7.95
C ARG A 48 -0.12 35.17 -8.04
N ALA A 49 -0.76 34.85 -6.91
CA ALA A 49 -2.12 34.34 -6.87
C ALA A 49 -3.04 35.34 -6.16
N PRO A 50 -4.30 35.45 -6.60
CA PRO A 50 -5.20 36.43 -5.97
C PRO A 50 -5.50 36.13 -4.50
N TRP A 51 -5.34 34.90 -4.04
CA TRP A 51 -5.71 34.52 -2.69
C TRP A 51 -4.57 34.65 -1.68
N ILE A 52 -3.39 35.10 -2.11
CA ILE A 52 -2.28 35.31 -1.19
C ILE A 52 -2.06 36.79 -0.89
N GLU A 53 -2.62 37.70 -1.70
CA GLU A 53 -2.43 39.13 -1.51
C GLU A 53 -3.05 39.64 -0.22
N GLN A 54 -3.89 38.84 0.45
CA GLN A 54 -4.61 39.27 1.64
C GLN A 54 -3.80 39.09 2.92
N GLU A 55 -2.50 38.82 2.81
CA GLU A 55 -1.67 38.62 4.00
C GLU A 55 -1.09 39.94 4.49
N GLY A 56 -0.93 40.05 5.80
CA GLY A 56 -0.45 41.25 6.42
C GLY A 56 1.00 41.55 6.07
N PRO A 57 1.44 42.77 6.37
CA PRO A 57 2.84 43.13 6.06
C PRO A 57 3.86 42.29 6.80
N GLU A 58 3.51 41.80 8.00
CA GLU A 58 4.43 40.93 8.74
C GLU A 58 4.76 39.68 7.93
N TYR A 59 3.75 39.09 7.28
CA TYR A 59 3.99 37.91 6.46
C TYR A 59 4.97 38.21 5.34
N TRP A 60 4.78 39.34 4.65
CA TRP A 60 5.65 39.67 3.52
C TRP A 60 7.07 39.98 3.99
N ASP A 61 7.21 40.66 5.12
CA ASP A 61 8.54 40.90 5.67
C ASP A 61 9.23 39.59 6.02
N GLN A 62 8.51 38.67 6.65
CA GLN A 62 9.11 37.39 7.04
C GLN A 62 9.51 36.57 5.81
N GLU A 63 8.65 36.54 4.79
CA GLU A 63 8.97 35.79 3.58
C GLU A 63 10.13 36.41 2.83
N THR A 64 10.20 37.74 2.78
CA THR A 64 11.35 38.40 2.16
C THR A 64 12.63 38.06 2.89
N ARG A 65 12.60 38.14 4.23
CA ARG A 65 13.79 37.83 5.03
C ARG A 65 14.25 36.39 4.79
N ASN A 66 13.31 35.44 4.79
CA ASN A 66 13.67 34.05 4.59
C ASN A 66 14.20 33.79 3.18
N VAL A 67 13.59 34.43 2.17
CA VAL A 67 14.08 34.27 0.79
C VAL A 67 15.51 34.78 0.68
N LYS A 68 15.77 35.98 1.21
CA LYS A 68 17.12 36.52 1.13
C LYS A 68 18.10 35.66 1.90
N ALA A 69 17.67 35.05 3.00
CA ALA A 69 18.53 34.12 3.72
C ALA A 69 18.90 32.92 2.85
N GLN A 70 17.90 32.34 2.18
CA GLN A 70 18.16 31.24 1.27
C GLN A 70 19.12 31.67 0.17
N SER A 71 18.95 32.89 -0.35
CA SER A 71 19.82 33.40 -1.40
C SER A 71 21.26 33.53 -0.92
N GLN A 72 21.46 34.03 0.30
CA GLN A 72 22.80 34.13 0.87
C GLN A 72 23.45 32.76 1.00
N THR A 73 22.70 31.80 1.56
CA THR A 73 23.26 30.45 1.72
C THR A 73 23.63 29.84 0.37
N ASP A 74 22.75 30.00 -0.63
CA ASP A 74 23.03 29.41 -1.94
C ASP A 74 24.20 30.12 -2.62
N ARG A 75 24.32 31.43 -2.44
CA ARG A 75 25.44 32.15 -3.02
C ARG A 75 26.76 31.68 -2.42
N VAL A 76 26.76 31.35 -1.12
CA VAL A 76 27.95 30.75 -0.51
C VAL A 76 28.19 29.36 -1.10
N ASP A 77 27.14 28.57 -1.25
CA ASP A 77 27.28 27.20 -1.73
C ASP A 77 27.77 27.14 -3.17
N LEU A 78 27.46 28.16 -3.97
CA LEU A 78 27.96 28.20 -5.35
C LEU A 78 29.49 28.15 -5.36
N GLY A 79 30.12 29.07 -4.64
CA GLY A 79 31.58 29.06 -4.56
C GLY A 79 32.10 27.82 -3.87
N THR A 80 31.40 27.36 -2.84
CA THR A 80 31.83 26.15 -2.14
C THR A 80 31.94 24.97 -3.11
N LEU A 81 30.92 24.79 -3.95
CA LEU A 81 30.90 23.66 -4.87
C LEU A 81 31.81 23.87 -6.07
N ARG A 82 31.94 25.12 -6.55
CA ARG A 82 32.92 25.40 -7.58
C ARG A 82 34.32 25.02 -7.12
N GLY A 83 34.62 25.26 -5.84
CA GLY A 83 35.89 24.80 -5.29
C GLY A 83 35.94 23.32 -5.04
N TYR A 84 34.79 22.71 -4.75
CA TYR A 84 34.74 21.26 -4.52
C TYR A 84 35.21 20.49 -5.74
N TYR A 85 34.63 20.80 -6.90
CA TYR A 85 34.92 20.09 -8.14
C TYR A 85 36.12 20.67 -8.89
N ASN A 86 36.82 21.65 -8.31
CA ASN A 86 37.97 22.30 -8.94
C ASN A 86 37.57 22.88 -10.31
N GLN A 87 36.36 23.41 -10.40
CA GLN A 87 35.87 23.98 -11.63
C GLN A 87 36.42 25.39 -11.84
N SER A 88 36.44 25.81 -13.09
CA SER A 88 36.93 27.15 -13.42
C SER A 88 36.03 28.23 -12.82
N GLU A 89 36.62 29.41 -12.62
CA GLU A 89 35.88 30.52 -12.05
C GLU A 89 35.02 31.25 -13.08
N ALA A 90 35.34 31.11 -14.37
CA ALA A 90 34.58 31.77 -15.43
C ALA A 90 33.36 30.96 -15.87
N GLY A 91 33.27 29.69 -15.50
CA GLY A 91 32.12 28.90 -15.89
C GLY A 91 30.89 29.26 -15.08
N SER A 92 29.74 29.24 -15.74
CA SER A 92 28.46 29.49 -15.10
C SER A 92 27.88 28.17 -14.61
N HIS A 93 27.57 28.09 -13.31
CA HIS A 93 27.04 26.89 -12.71
C HIS A 93 25.72 27.19 -12.01
N THR A 94 24.94 26.15 -11.80
CA THR A 94 23.55 26.28 -11.35
C THR A 94 23.28 25.35 -10.18
N ILE A 95 22.72 25.91 -9.10
CA ILE A 95 22.23 25.13 -7.97
C ILE A 95 20.72 25.23 -7.97
N GLN A 96 20.04 24.10 -7.79
CA GLN A 96 18.59 24.04 -7.80
C GLN A 96 18.11 23.31 -6.55
N ILE A 97 17.16 23.91 -5.84
CA ILE A 97 16.66 23.36 -4.59
C ILE A 97 15.14 23.31 -4.65
N MET A 98 14.56 22.20 -4.20
CA MET A 98 13.12 22.07 -4.16
C MET A 98 12.71 21.42 -2.85
N TYR A 99 11.79 22.03 -2.13
CA TYR A 99 11.29 21.36 -0.93
C TYR A 99 9.84 21.70 -0.67
N GLY A 100 9.13 20.75 -0.07
CA GLY A 100 7.71 20.95 0.17
C GLY A 100 7.11 19.83 0.99
N CYS A 101 5.79 19.90 1.12
CA CYS A 101 5.03 18.97 1.95
C CYS A 101 3.65 18.73 1.36
N ASP A 102 3.13 17.53 1.60
CA ASP A 102 1.82 17.11 1.09
C ASP A 102 0.84 16.91 2.25
N VAL A 103 -0.44 17.13 1.96
CA VAL A 103 -1.52 16.91 2.92
C VAL A 103 -2.62 16.08 2.25
N GLY A 104 -3.52 15.56 3.07
CA GLY A 104 -4.65 14.79 2.60
C GLY A 104 -5.91 15.63 2.48
N SER A 105 -7.03 14.94 2.25
CA SER A 105 -8.31 15.64 2.09
C SER A 105 -8.77 16.24 3.41
N ASP A 106 -8.50 15.56 4.53
CA ASP A 106 -8.85 16.07 5.84
C ASP A 106 -7.82 17.06 6.38
N GLY A 107 -6.70 17.25 5.68
CA GLY A 107 -5.67 18.17 6.11
C GLY A 107 -4.53 17.57 6.89
N ARG A 108 -4.46 16.25 7.00
CA ARG A 108 -3.41 15.63 7.77
C ARG A 108 -2.11 15.56 6.96
N PHE A 109 -0.99 15.64 7.68
CA PHE A 109 0.32 15.57 7.05
C PHE A 109 0.54 14.19 6.45
N LEU A 110 0.97 14.15 5.19
CA LEU A 110 1.24 12.89 4.49
C LEU A 110 2.72 12.60 4.32
N ARG A 111 3.47 13.54 3.75
CA ARG A 111 4.90 13.36 3.52
C ARG A 111 5.54 14.71 3.26
N GLY A 112 6.87 14.71 3.26
CA GLY A 112 7.63 15.90 2.94
C GLY A 112 8.89 15.52 2.18
N TYR A 113 9.52 16.53 1.60
CA TYR A 113 10.67 16.24 0.76
C TYR A 113 11.54 17.48 0.56
N ARG A 114 12.83 17.23 0.33
CA ARG A 114 13.79 18.24 -0.08
C ARG A 114 14.84 17.57 -0.98
N GLN A 115 15.18 18.26 -2.07
CA GLN A 115 16.14 17.76 -3.04
C GLN A 115 16.98 18.92 -3.57
N ASP A 116 18.29 18.72 -3.60
CA ASP A 116 19.25 19.71 -4.05
C ASP A 116 20.08 19.11 -5.19
N ALA A 117 20.25 19.89 -6.26
CA ALA A 117 20.99 19.47 -7.44
C ALA A 117 21.99 20.55 -7.84
N TYR A 118 23.06 20.12 -8.49
CA TYR A 118 24.11 21.00 -8.99
C TYR A 118 24.29 20.73 -10.47
N ASP A 119 24.08 21.77 -11.28
CA ASP A 119 24.25 21.68 -12.74
C ASP A 119 23.35 20.61 -13.34
N GLY A 120 22.14 20.46 -12.80
CA GLY A 120 21.16 19.55 -13.34
C GLY A 120 21.31 18.09 -12.95
N LYS A 121 22.31 17.75 -12.15
CA LYS A 121 22.49 16.40 -11.64
C LYS A 121 22.17 16.38 -10.15
N ASP A 122 21.61 15.25 -9.71
CA ASP A 122 21.26 15.09 -8.29
C ASP A 122 22.49 15.26 -7.41
N TYR A 123 22.38 16.15 -6.42
CA TYR A 123 23.48 16.38 -5.48
C TYR A 123 23.20 15.73 -4.13
N ILE A 124 22.09 16.06 -3.49
CA ILE A 124 21.75 15.47 -2.19
C ILE A 124 20.25 15.56 -1.93
N ALA A 125 19.66 14.46 -1.47
CA ALA A 125 18.22 14.40 -1.28
C ALA A 125 17.89 13.87 0.12
N LEU A 126 16.69 14.20 0.58
CA LEU A 126 16.18 13.66 1.83
C LEU A 126 15.47 12.35 1.56
N ASN A 127 15.81 11.32 2.35
CA ASN A 127 15.20 10.01 2.17
C ASN A 127 13.73 10.05 2.54
N GLU A 128 13.03 8.96 2.19
CA GLU A 128 11.59 8.86 2.46
C GLU A 128 11.31 8.86 3.96
N ASP A 129 12.25 8.37 4.77
CA ASP A 129 12.06 8.27 6.20
C ASP A 129 12.27 9.60 6.94
N LEU A 130 12.65 10.66 6.22
CA LEU A 130 12.80 12.00 6.79
C LEU A 130 13.85 12.04 7.91
N ARG A 131 14.79 11.10 7.92
CA ARG A 131 15.80 11.05 8.97
C ARG A 131 17.22 10.87 8.45
N SER A 132 17.40 10.55 7.17
CA SER A 132 18.71 10.33 6.59
C SER A 132 18.82 11.09 5.28
N TRP A 133 20.04 11.13 4.74
CA TRP A 133 20.32 11.82 3.49
C TRP A 133 20.97 10.88 2.49
N THR A 134 20.65 11.08 1.21
CA THR A 134 21.24 10.33 0.11
C THR A 134 22.11 11.27 -0.71
N ALA A 135 23.38 10.90 -0.88
CA ALA A 135 24.35 11.71 -1.59
C ALA A 135 24.81 10.97 -2.84
N ALA A 136 25.03 11.72 -3.92
CA ALA A 136 25.38 11.11 -5.19
C ALA A 136 26.87 10.81 -5.28
N ASP A 137 27.71 11.85 -5.23
CA ASP A 137 29.14 11.72 -5.42
C ASP A 137 29.88 11.93 -4.11
N MET A 138 31.21 11.89 -4.19
CA MET A 138 32.04 12.02 -3.00
C MET A 138 32.01 13.46 -2.46
N ALA A 139 31.81 14.45 -3.33
CA ALA A 139 31.71 15.82 -2.85
C ALA A 139 30.47 16.03 -2.01
N ALA A 140 29.39 15.31 -2.30
CA ALA A 140 28.16 15.44 -1.54
C ALA A 140 28.22 14.71 -0.21
N GLN A 141 29.16 13.77 -0.04
CA GLN A 141 29.32 13.14 1.27
C GLN A 141 29.78 14.14 2.32
N ILE A 142 30.57 15.14 1.90
CA ILE A 142 30.96 16.21 2.81
C ILE A 142 29.72 16.93 3.33
N THR A 143 28.83 17.33 2.42
CA THR A 143 27.61 18.01 2.82
C THR A 143 26.71 17.11 3.65
N LYS A 144 26.70 15.81 3.34
CA LYS A 144 25.89 14.86 4.10
C LYS A 144 26.36 14.80 5.55
N ARG A 145 27.66 14.61 5.76
CA ARG A 145 28.19 14.58 7.13
C ARG A 145 27.99 15.92 7.83
N LYS A 146 28.15 17.02 7.08
CA LYS A 146 27.96 18.35 7.65
C LYS A 146 26.54 18.56 8.15
N TRP A 147 25.56 18.11 7.36
CA TRP A 147 24.15 18.28 7.73
C TRP A 147 23.71 17.27 8.79
N GLU A 148 24.34 16.10 8.83
CA GLU A 148 24.05 15.16 9.90
C GLU A 148 24.57 15.68 11.24
N ALA A 149 25.76 16.27 11.23
CA ALA A 149 26.30 16.87 12.46
C ALA A 149 25.49 18.08 12.91
N ALA A 150 24.77 18.74 12.00
CA ALA A 150 24.00 19.92 12.31
C ALA A 150 22.52 19.63 12.59
N HIS A 151 22.17 18.34 12.74
CA HIS A 151 20.79 17.94 13.06
C HIS A 151 19.79 18.53 12.09
N GLU A 152 20.20 18.69 10.82
CA GLU A 152 19.37 19.40 9.86
C GLU A 152 18.12 18.61 9.50
N ALA A 153 18.23 17.28 9.43
CA ALA A 153 17.05 16.45 9.14
C ALA A 153 15.96 16.67 10.18
N GLU A 154 16.32 16.74 11.47
CA GLU A 154 15.33 16.93 12.51
C GLU A 154 14.65 18.29 12.39
N GLN A 155 15.42 19.35 12.12
CA GLN A 155 14.83 20.68 11.98
C GLN A 155 13.91 20.74 10.77
N LEU A 156 14.31 20.11 9.67
CA LEU A 156 13.45 20.08 8.49
C LEU A 156 12.17 19.31 8.76
N ARG A 157 12.26 18.18 9.47
CA ARG A 157 11.06 17.42 9.80
C ARG A 157 10.15 18.23 10.70
N ALA A 158 10.72 19.00 11.62
CA ALA A 158 9.92 19.87 12.47
C ALA A 158 9.28 21.01 11.67
N TYR A 159 9.93 21.43 10.58
CA TYR A 159 9.30 22.41 9.71
C TYR A 159 8.17 21.80 8.89
N LEU A 160 8.30 20.54 8.48
CA LEU A 160 7.34 19.96 7.55
C LEU A 160 6.02 19.65 8.22
N ASP A 161 6.04 18.91 9.34
CA ASP A 161 4.80 18.55 10.01
C ASP A 161 4.17 19.73 10.75
N GLY A 162 4.85 20.87 10.80
CA GLY A 162 4.36 22.04 11.50
C GLY A 162 4.01 23.20 10.58
N THR A 163 4.93 24.15 10.46
CA THR A 163 4.69 25.37 9.68
C THR A 163 4.18 25.05 8.29
N CYS A 164 4.79 24.08 7.62
CA CYS A 164 4.44 23.78 6.23
C CYS A 164 2.98 23.35 6.12
N VAL A 165 2.58 22.34 6.89
CA VAL A 165 1.23 21.81 6.80
C VAL A 165 0.20 22.85 7.22
N GLU A 166 0.51 23.62 8.28
CA GLU A 166 -0.44 24.62 8.74
C GLU A 166 -0.65 25.72 7.70
N TRP A 167 0.44 26.22 7.11
CA TRP A 167 0.28 27.24 6.08
C TRP A 167 -0.37 26.68 4.82
N LEU A 168 -0.16 25.39 4.52
CA LEU A 168 -0.84 24.80 3.38
C LEU A 168 -2.34 24.68 3.63
N ARG A 169 -2.73 24.30 4.85
CA ARG A 169 -4.14 24.30 5.21
C ARG A 169 -4.73 25.70 5.10
N ARG A 170 -3.98 26.71 5.54
CA ARG A 170 -4.45 28.09 5.44
C ARG A 170 -4.64 28.50 3.98
N TYR A 171 -3.67 28.13 3.12
CA TYR A 171 -3.78 28.47 1.70
C TYR A 171 -4.97 27.77 1.05
N LEU A 172 -5.20 26.50 1.38
CA LEU A 172 -6.32 25.78 0.82
C LEU A 172 -7.65 26.36 1.30
N GLU A 173 -7.71 26.79 2.55
CA GLU A 173 -8.94 27.36 3.08
C GLU A 173 -9.20 28.76 2.51
N ASN A 174 -8.15 29.52 2.23
CA ASN A 174 -8.31 30.88 1.73
C ASN A 174 -8.65 30.88 0.24
N GLY A 175 -7.92 30.09 -0.54
CA GLY A 175 -8.18 30.02 -1.97
C GLY A 175 -8.97 28.80 -2.37
N LYS A 176 -9.94 28.41 -1.54
CA LYS A 176 -10.72 27.20 -1.81
C LYS A 176 -11.51 27.28 -3.10
N GLU A 177 -11.84 28.50 -3.55
CA GLU A 177 -12.67 28.65 -4.74
C GLU A 177 -11.95 28.18 -6.00
N THR A 178 -10.63 28.32 -6.05
CA THR A 178 -9.87 27.97 -7.24
C THR A 178 -8.85 26.85 -7.05
N LEU A 179 -8.58 26.46 -5.80
CA LEU A 179 -7.56 25.44 -5.54
C LEU A 179 -8.12 24.05 -5.31
N GLN A 180 -9.41 23.93 -5.01
CA GLN A 180 -10.06 22.63 -4.83
C GLN A 180 -11.02 22.31 -5.97
N ARG A 181 -10.84 22.96 -7.12
CA ARG A 181 -11.68 22.70 -8.28
C ARG A 181 -11.09 21.59 -9.14
N THR A 182 -11.97 20.92 -9.89
CA THR A 182 -11.58 19.85 -10.81
C THR A 182 -12.25 20.13 -12.15
N ASP A 183 -11.52 20.77 -13.06
CA ASP A 183 -12.06 21.09 -14.38
C ASP A 183 -11.93 19.89 -15.30
N PRO A 184 -13.02 19.34 -15.82
CA PRO A 184 -12.91 18.20 -16.71
C PRO A 184 -12.37 18.62 -18.06
N PRO A 185 -11.64 17.74 -18.75
CA PRO A 185 -11.08 18.12 -20.05
C PRO A 185 -12.12 18.10 -21.16
N LYS A 186 -12.08 19.13 -22.01
CA LYS A 186 -12.90 19.17 -23.21
C LYS A 186 -12.07 18.59 -24.36
N THR A 187 -12.57 17.53 -24.97
CA THR A 187 -11.79 16.74 -25.91
C THR A 187 -12.35 16.83 -27.33
N HIS A 188 -11.45 16.72 -28.30
CA HIS A 188 -11.84 16.65 -29.71
C HIS A 188 -10.72 15.99 -30.48
N MET A 189 -10.89 15.93 -31.81
CA MET A 189 -9.97 15.16 -32.63
C MET A 189 -9.79 15.83 -33.98
N THR A 190 -8.55 15.86 -34.47
CA THR A 190 -8.20 16.43 -35.75
C THR A 190 -7.54 15.37 -36.63
N HIS A 191 -7.62 15.59 -37.95
CA HIS A 191 -7.14 14.64 -38.94
C HIS A 191 -6.37 15.40 -40.01
N HIS A 192 -5.06 15.16 -40.08
CA HIS A 192 -4.19 15.84 -41.05
C HIS A 192 -3.58 14.82 -41.99
N PRO A 193 -3.96 14.79 -43.27
CA PRO A 193 -3.32 13.87 -44.20
C PRO A 193 -1.89 14.26 -44.51
N ILE A 194 -0.93 13.44 -44.06
CA ILE A 194 0.47 13.72 -44.35
C ILE A 194 0.75 13.50 -45.83
N SER A 195 0.52 12.29 -46.31
CA SER A 195 0.61 11.99 -47.73
C SER A 195 -0.65 11.26 -48.17
N ASP A 196 -0.68 10.76 -49.40
CA ASP A 196 -1.84 10.02 -49.88
C ASP A 196 -1.97 8.63 -49.26
N HIS A 197 -1.05 8.24 -48.38
CA HIS A 197 -1.03 6.91 -47.78
C HIS A 197 -1.26 6.92 -46.28
N GLU A 198 -0.59 7.80 -45.55
CA GLU A 198 -0.72 7.87 -44.10
C GLU A 198 -1.22 9.25 -43.68
N ALA A 199 -1.80 9.30 -42.49
CA ALA A 199 -2.32 10.55 -41.96
C ALA A 199 -2.16 10.58 -40.45
N THR A 200 -2.00 11.78 -39.91
CA THR A 200 -1.87 11.98 -38.47
C THR A 200 -3.25 12.24 -37.88
N LEU A 201 -3.68 11.36 -36.97
CA LEU A 201 -4.95 11.50 -36.26
C LEU A 201 -4.62 11.94 -34.84
N ARG A 202 -4.85 13.23 -34.56
CA ARG A 202 -4.43 13.83 -33.31
C ARG A 202 -5.62 13.98 -32.36
N CYS A 203 -5.39 13.66 -31.08
CA CYS A 203 -6.43 13.67 -30.05
C CYS A 203 -6.11 14.78 -29.06
N TRP A 204 -7.01 15.76 -28.95
CA TRP A 204 -6.81 16.95 -28.13
C TRP A 204 -7.67 16.89 -26.87
N ALA A 205 -7.09 17.33 -25.76
CA ALA A 205 -7.81 17.55 -24.51
C ALA A 205 -7.37 18.89 -23.95
N LEU A 206 -8.32 19.81 -23.74
CA LEU A 206 -8.02 21.17 -23.36
C LEU A 206 -8.81 21.55 -22.11
N GLY A 207 -8.30 22.56 -21.40
CA GLY A 207 -9.02 23.19 -20.30
C GLY A 207 -9.27 22.32 -19.09
N PHE A 208 -8.31 21.46 -18.75
CA PHE A 208 -8.44 20.58 -17.60
C PHE A 208 -7.52 21.03 -16.47
N TYR A 209 -7.90 20.64 -15.25
CA TYR A 209 -7.17 20.96 -14.03
C TYR A 209 -7.47 19.86 -13.02
N PRO A 210 -6.45 19.26 -12.39
CA PRO A 210 -5.01 19.55 -12.56
C PRO A 210 -4.42 18.95 -13.85
N ALA A 211 -3.09 18.96 -13.94
CA ALA A 211 -2.40 18.56 -15.16
C ALA A 211 -2.29 17.05 -15.34
N GLU A 212 -2.65 16.25 -14.33
CA GLU A 212 -2.51 14.81 -14.42
C GLU A 212 -3.64 14.25 -15.28
N ILE A 213 -3.29 13.75 -16.47
CA ILE A 213 -4.27 13.22 -17.41
C ILE A 213 -3.61 12.09 -18.20
N THR A 214 -4.41 11.12 -18.62
CA THR A 214 -3.93 9.95 -19.34
C THR A 214 -4.57 9.90 -20.71
N LEU A 215 -3.74 9.94 -21.75
CA LEU A 215 -4.19 9.84 -23.15
C LEU A 215 -3.65 8.54 -23.73
N THR A 216 -4.54 7.65 -24.17
CA THR A 216 -4.13 6.38 -24.73
C THR A 216 -4.81 6.16 -26.07
N TRP A 217 -4.16 5.37 -26.92
CA TRP A 217 -4.69 4.99 -28.22
C TRP A 217 -4.89 3.48 -28.26
N GLN A 218 -5.98 3.05 -28.89
CA GLN A 218 -6.30 1.63 -29.01
C GLN A 218 -6.66 1.30 -30.45
N ARG A 219 -6.05 0.24 -30.98
CA ARG A 219 -6.46 -0.34 -32.26
C ARG A 219 -7.26 -1.60 -31.95
N ASP A 220 -8.57 -1.41 -31.74
CA ASP A 220 -9.50 -2.52 -31.52
C ASP A 220 -9.12 -3.35 -30.30
N GLY A 221 -8.83 -2.66 -29.19
CA GLY A 221 -8.64 -3.27 -27.90
C GLY A 221 -7.23 -3.18 -27.35
N GLU A 222 -6.22 -3.17 -28.22
CA GLU A 222 -4.83 -3.20 -27.79
C GLU A 222 -4.19 -1.83 -27.96
N ASP A 223 -3.41 -1.42 -26.95
CA ASP A 223 -2.68 -0.16 -27.01
C ASP A 223 -1.44 -0.34 -27.87
N GLN A 224 -1.29 0.52 -28.88
CA GLN A 224 -0.16 0.48 -29.80
C GLN A 224 0.72 1.70 -29.53
N THR A 225 1.75 1.51 -28.70
CA THR A 225 2.68 2.56 -28.34
C THR A 225 3.84 2.70 -29.33
N GLN A 226 3.69 2.16 -30.54
CA GLN A 226 4.75 2.25 -31.55
C GLN A 226 4.74 3.58 -32.29
N ASP A 227 3.59 4.26 -32.36
CA ASP A 227 3.50 5.56 -33.02
C ASP A 227 2.85 6.63 -32.17
N THR A 228 2.42 6.32 -30.95
CA THR A 228 1.81 7.32 -30.08
C THR A 228 2.87 8.30 -29.60
N GLU A 229 2.76 9.55 -30.04
CA GLU A 229 3.69 10.61 -29.65
C GLU A 229 2.97 11.57 -28.71
N LEU A 230 3.17 11.38 -27.41
CA LEU A 230 2.62 12.30 -26.43
C LEU A 230 3.45 13.58 -26.38
N VAL A 231 2.91 14.58 -25.72
CA VAL A 231 3.51 15.92 -25.69
C VAL A 231 3.42 16.48 -24.28
N GLU A 232 4.45 17.21 -23.87
CA GLU A 232 4.48 17.81 -22.54
C GLU A 232 3.22 18.64 -22.29
N THR A 233 2.53 18.33 -21.19
CA THR A 233 1.34 19.09 -20.82
C THR A 233 1.68 20.56 -20.66
N ARG A 234 1.02 21.40 -21.44
CA ARG A 234 1.35 22.81 -21.46
C ARG A 234 0.29 23.64 -20.73
N PRO A 235 0.71 24.72 -20.08
CA PRO A 235 -0.26 25.59 -19.37
C PRO A 235 -0.97 26.51 -20.34
N ALA A 236 -2.30 26.57 -20.22
CA ALA A 236 -3.06 27.48 -21.07
C ALA A 236 -2.80 28.94 -20.67
N GLY A 237 -2.43 29.18 -19.41
CA GLY A 237 -2.15 30.52 -18.91
C GLY A 237 -3.21 31.06 -17.97
N ASP A 238 -4.45 30.61 -18.12
CA ASP A 238 -5.55 31.04 -17.26
C ASP A 238 -5.72 30.18 -16.03
N GLY A 239 -4.93 29.12 -15.89
CA GLY A 239 -5.05 28.18 -14.78
C GLY A 239 -5.33 26.76 -15.20
N THR A 240 -5.64 26.50 -16.47
CA THR A 240 -5.89 25.16 -16.96
C THR A 240 -4.68 24.64 -17.71
N PHE A 241 -4.81 23.43 -18.27
CA PHE A 241 -3.72 22.80 -18.99
C PHE A 241 -4.26 22.16 -20.26
N GLN A 242 -3.34 21.86 -21.18
CA GLN A 242 -3.68 21.30 -22.48
C GLN A 242 -2.73 20.17 -22.81
N LYS A 243 -3.23 19.19 -23.57
CA LYS A 243 -2.38 18.07 -23.95
C LYS A 243 -3.01 17.37 -25.14
N TRP A 244 -2.16 17.00 -26.11
CA TRP A 244 -2.61 16.23 -27.26
C TRP A 244 -1.69 15.05 -27.50
N ALA A 245 -2.27 13.99 -28.03
CA ALA A 245 -1.55 12.77 -28.39
C ALA A 245 -2.00 12.33 -29.77
N ALA A 246 -1.05 12.21 -30.70
CA ALA A 246 -1.34 11.87 -32.08
C ALA A 246 -0.90 10.45 -32.39
N VAL A 247 -1.20 10.01 -33.60
CA VAL A 247 -0.83 8.68 -34.07
C VAL A 247 -0.90 8.68 -35.59
N VAL A 248 0.06 8.01 -36.22
CA VAL A 248 0.12 7.90 -37.67
C VAL A 248 -0.65 6.64 -38.08
N VAL A 249 -1.64 6.82 -38.96
CA VAL A 249 -2.56 5.75 -39.33
C VAL A 249 -2.61 5.66 -40.85
N PRO A 250 -2.59 4.45 -41.43
CA PRO A 250 -2.77 4.33 -42.88
C PRO A 250 -4.17 4.77 -43.29
N SER A 251 -4.23 5.61 -44.32
CA SER A 251 -5.51 6.18 -44.75
C SER A 251 -6.44 5.07 -45.22
N GLY A 252 -7.64 5.05 -44.65
CA GLY A 252 -8.64 4.04 -44.93
C GLY A 252 -9.05 3.21 -43.73
N GLU A 253 -8.28 3.24 -42.65
CA GLU A 253 -8.59 2.51 -41.43
C GLU A 253 -8.60 3.43 -40.22
N GLU A 254 -8.88 4.71 -40.42
CA GLU A 254 -8.97 5.64 -39.29
C GLU A 254 -10.11 5.28 -38.35
N GLN A 255 -11.14 4.58 -38.84
CA GLN A 255 -12.27 4.21 -38.01
C GLN A 255 -11.96 3.10 -37.02
N ARG A 256 -10.83 2.40 -37.19
CA ARG A 256 -10.47 1.31 -36.29
C ARG A 256 -9.72 1.78 -35.06
N TYR A 257 -9.33 3.05 -34.98
CA TYR A 257 -8.58 3.58 -33.85
C TYR A 257 -9.50 4.35 -32.91
N THR A 258 -9.16 4.30 -31.62
CA THR A 258 -9.94 4.97 -30.59
C THR A 258 -8.99 5.69 -29.64
N CYS A 259 -9.39 6.89 -29.21
CA CYS A 259 -8.66 7.68 -28.23
C CYS A 259 -9.39 7.62 -26.90
N HIS A 260 -8.67 7.27 -25.84
CA HIS A 260 -9.22 7.18 -24.50
C HIS A 260 -8.56 8.23 -23.62
N VAL A 261 -9.39 8.97 -22.89
CA VAL A 261 -8.95 10.07 -22.03
C VAL A 261 -9.39 9.74 -20.60
N GLN A 262 -8.44 9.71 -19.67
CA GLN A 262 -8.72 9.45 -18.26
C GLN A 262 -8.28 10.66 -17.45
N HIS A 263 -9.22 11.22 -16.68
CA HIS A 263 -8.96 12.37 -15.84
C HIS A 263 -9.89 12.31 -14.64
N GLU A 264 -9.48 12.92 -13.53
CA GLU A 264 -10.26 12.83 -12.30
C GLU A 264 -11.57 13.61 -12.39
N GLY A 265 -11.70 14.52 -13.34
CA GLY A 265 -12.93 15.26 -13.53
C GLY A 265 -13.97 14.57 -14.39
N LEU A 266 -13.68 13.36 -14.86
CA LEU A 266 -14.60 12.62 -15.70
C LEU A 266 -15.13 11.40 -14.96
N PRO A 267 -16.44 11.15 -14.96
CA PRO A 267 -16.95 9.94 -14.29
C PRO A 267 -16.44 8.66 -14.93
N LYS A 268 -16.51 8.56 -16.25
CA LYS A 268 -16.02 7.41 -17.00
C LYS A 268 -14.97 7.84 -18.01
N PRO A 269 -13.98 7.00 -18.28
CA PRO A 269 -12.96 7.35 -19.28
C PRO A 269 -13.58 7.48 -20.66
N LEU A 270 -13.49 8.69 -21.22
CA LEU A 270 -14.12 8.99 -22.49
C LEU A 270 -13.44 8.25 -23.63
N THR A 271 -14.19 8.07 -24.71
CA THR A 271 -13.70 7.41 -25.92
C THR A 271 -14.05 8.26 -27.13
N LEU A 272 -13.06 8.53 -27.98
CA LEU A 272 -13.24 9.34 -29.16
C LEU A 272 -12.92 8.52 -30.41
N ARG A 273 -13.75 8.69 -31.44
CA ARG A 273 -13.60 7.96 -32.70
C ARG A 273 -13.82 8.92 -33.86
N TRP A 274 -12.88 8.95 -34.79
CA TRP A 274 -12.97 9.87 -35.92
C TRP A 274 -14.03 9.40 -36.92
N ILE B 2 25.15 17.10 -19.98
CA ILE B 2 25.03 18.19 -19.02
C ILE B 2 24.01 19.21 -19.51
N GLN B 3 24.01 19.46 -20.82
CA GLN B 3 23.13 20.45 -21.43
C GLN B 3 21.99 19.77 -22.16
N ARG B 4 20.83 20.43 -22.18
CA ARG B 4 19.63 19.91 -22.81
C ARG B 4 18.95 21.01 -23.62
N THR B 5 18.40 20.61 -24.78
CA THR B 5 17.80 21.50 -25.79
C THR B 5 16.33 21.74 -25.47
N PRO B 6 15.87 22.99 -25.53
CA PRO B 6 14.47 23.27 -25.21
C PRO B 6 13.50 22.65 -26.21
N LYS B 7 12.41 22.11 -25.69
CA LYS B 7 11.28 21.67 -26.50
C LYS B 7 10.28 22.82 -26.58
N ILE B 8 9.93 23.23 -27.79
CA ILE B 8 9.16 24.44 -28.03
C ILE B 8 7.74 24.05 -28.43
N GLN B 9 6.75 24.77 -27.90
CA GLN B 9 5.36 24.59 -28.27
C GLN B 9 4.70 25.95 -28.40
N VAL B 10 4.21 26.27 -29.60
CA VAL B 10 3.52 27.51 -29.88
C VAL B 10 2.05 27.20 -30.09
N TYR B 11 1.17 27.94 -29.42
CA TYR B 11 -0.26 27.64 -29.44
C TYR B 11 -1.01 28.85 -28.92
N SER B 12 -2.32 28.69 -28.75
CA SER B 12 -3.19 29.74 -28.26
C SER B 12 -3.91 29.29 -27.00
N ARG B 13 -4.32 30.25 -26.19
CA ARG B 13 -4.99 29.94 -24.93
C ARG B 13 -6.31 29.22 -25.17
N HIS B 14 -7.16 29.80 -26.01
CA HIS B 14 -8.46 29.23 -26.37
C HIS B 14 -8.47 28.83 -27.84
N PRO B 15 -9.43 27.98 -28.24
CA PRO B 15 -9.62 27.73 -29.68
C PRO B 15 -9.74 29.02 -30.46
N ALA B 16 -8.79 29.26 -31.37
CA ALA B 16 -8.65 30.56 -32.00
C ALA B 16 -9.82 30.79 -32.96
N GLU B 17 -10.81 31.53 -32.50
CA GLU B 17 -11.93 31.96 -33.34
C GLU B 17 -11.56 33.32 -33.94
N ASN B 18 -11.54 33.39 -35.28
CA ASN B 18 -11.06 34.58 -35.96
C ASN B 18 -11.92 35.78 -35.61
N GLY B 19 -11.28 36.86 -35.17
CA GLY B 19 -11.96 38.08 -34.81
C GLY B 19 -12.27 38.26 -33.34
N LYS B 20 -11.77 37.38 -32.48
CA LYS B 20 -12.05 37.44 -31.05
C LYS B 20 -10.72 37.42 -30.29
N SER B 21 -10.67 38.16 -29.19
CA SER B 21 -9.44 38.31 -28.43
C SER B 21 -8.99 36.96 -27.86
N ASN B 22 -7.68 36.76 -27.81
CA ASN B 22 -7.10 35.52 -27.30
C ASN B 22 -5.66 35.82 -26.86
N PHE B 23 -4.93 34.77 -26.50
CA PHE B 23 -3.54 34.89 -26.08
C PHE B 23 -2.69 33.91 -26.87
N LEU B 24 -1.43 34.29 -27.10
CA LEU B 24 -0.47 33.49 -27.85
C LEU B 24 0.61 33.00 -26.90
N ASN B 25 0.67 31.68 -26.70
CA ASN B 25 1.59 31.07 -25.75
C ASN B 25 2.74 30.37 -26.48
N CYS B 26 3.95 30.57 -25.97
CA CYS B 26 5.14 29.82 -26.37
C CYS B 26 5.72 29.22 -25.09
N TYR B 27 5.64 27.89 -24.97
CA TYR B 27 6.02 27.18 -23.76
C TYR B 27 7.26 26.35 -24.03
N VAL B 28 8.37 26.71 -23.41
CA VAL B 28 9.64 26.02 -23.56
C VAL B 28 9.89 25.19 -22.30
N SER B 29 10.38 23.97 -22.50
CA SER B 29 10.61 23.08 -21.37
C SER B 29 11.76 22.14 -21.69
N GLY B 30 12.26 21.47 -20.65
CA GLY B 30 13.28 20.46 -20.83
C GLY B 30 14.64 20.98 -21.19
N PHE B 31 14.92 22.26 -20.95
CA PHE B 31 16.20 22.84 -21.31
C PHE B 31 17.07 23.09 -20.09
N HIS B 32 18.37 23.16 -20.33
CA HIS B 32 19.39 23.39 -19.32
C HIS B 32 20.69 23.76 -20.03
N PRO B 33 21.38 24.84 -19.62
CA PRO B 33 21.09 25.75 -18.51
C PRO B 33 19.87 26.64 -18.71
N SER B 34 19.67 27.57 -17.77
CA SER B 34 18.46 28.38 -17.74
C SER B 34 18.49 29.56 -18.70
N ASP B 35 19.68 30.03 -19.08
CA ASP B 35 19.79 31.19 -19.95
C ASP B 35 19.19 30.87 -21.32
N ILE B 36 18.15 31.61 -21.70
CA ILE B 36 17.44 31.35 -22.95
C ILE B 36 16.73 32.62 -23.38
N GLU B 37 16.82 32.93 -24.67
CA GLU B 37 16.09 34.04 -25.26
C GLU B 37 14.86 33.51 -25.97
N VAL B 38 13.71 34.12 -25.70
CA VAL B 38 12.44 33.73 -26.33
C VAL B 38 11.74 35.00 -26.81
N ASP B 39 11.48 35.08 -28.11
CA ASP B 39 10.80 36.21 -28.70
C ASP B 39 9.57 35.74 -29.47
N LEU B 40 8.56 36.60 -29.54
CA LEU B 40 7.33 36.32 -30.27
C LEU B 40 7.27 37.23 -31.50
N LEU B 41 7.08 36.62 -32.66
CA LEU B 41 7.17 37.31 -33.95
C LEU B 41 5.79 37.36 -34.58
N LYS B 42 5.35 38.57 -34.92
CA LYS B 42 4.14 38.80 -35.71
C LYS B 42 4.59 39.27 -37.10
N ASN B 43 4.39 38.41 -38.09
CA ASN B 43 4.79 38.68 -39.48
C ASN B 43 6.29 38.89 -39.62
N GLY B 44 7.08 38.45 -38.65
CA GLY B 44 8.53 38.50 -38.73
C GLY B 44 9.19 39.45 -37.75
N GLU B 45 8.48 40.46 -37.27
CA GLU B 45 9.06 41.46 -36.38
C GLU B 45 8.73 41.13 -34.92
N ARG B 46 9.59 41.62 -34.02
CA ARG B 46 9.46 41.35 -32.61
C ARG B 46 8.19 41.99 -32.03
N ILE B 47 7.75 41.43 -30.91
CA ILE B 47 6.66 41.99 -30.11
C ILE B 47 7.24 42.33 -28.74
N GLU B 48 7.02 43.57 -28.30
CA GLU B 48 7.64 44.04 -27.06
C GLU B 48 6.75 43.89 -25.83
N LYS B 49 5.43 43.85 -26.01
CA LYS B 49 4.51 43.68 -24.88
C LYS B 49 4.29 42.19 -24.59
N VAL B 50 5.38 41.52 -24.24
CA VAL B 50 5.39 40.08 -24.03
C VAL B 50 5.83 39.81 -22.58
N GLU B 51 4.91 39.27 -21.78
CA GLU B 51 5.20 38.90 -20.41
C GLU B 51 5.43 37.40 -20.31
N HIS B 52 6.41 37.01 -19.49
CA HIS B 52 6.75 35.61 -19.29
C HIS B 52 6.55 35.22 -17.84
N SER B 53 6.37 33.92 -17.62
CA SER B 53 6.22 33.39 -16.28
C SER B 53 7.56 33.42 -15.55
N ASP B 54 7.54 33.02 -14.29
CA ASP B 54 8.75 32.97 -13.48
C ASP B 54 9.38 31.59 -13.57
N LEU B 55 10.71 31.57 -13.50
CA LEU B 55 11.46 30.37 -13.82
C LEU B 55 11.21 29.27 -12.78
N SER B 56 10.88 28.08 -13.27
CA SER B 56 10.74 26.88 -12.44
C SER B 56 11.34 25.71 -13.18
N PHE B 57 11.33 24.53 -12.55
CA PHE B 57 11.92 23.35 -13.16
C PHE B 57 11.13 22.11 -12.75
N SER B 58 11.22 21.08 -13.60
CA SER B 58 10.50 19.83 -13.39
C SER B 58 11.35 18.90 -12.52
N LYS B 59 10.92 17.64 -12.41
CA LYS B 59 11.61 16.69 -11.53
C LYS B 59 12.97 16.28 -12.06
N ASP B 60 13.22 16.40 -13.36
CA ASP B 60 14.52 16.11 -13.94
C ASP B 60 15.44 17.32 -13.94
N TRP B 61 15.12 18.34 -13.13
CA TRP B 61 15.92 19.57 -12.98
C TRP B 61 15.96 20.39 -14.26
N SER B 62 15.03 20.15 -15.19
CA SER B 62 14.98 20.86 -16.46
C SER B 62 14.00 22.01 -16.35
N PHE B 63 14.44 23.20 -16.75
CA PHE B 63 13.64 24.40 -16.57
C PHE B 63 12.49 24.45 -17.58
N TYR B 64 11.50 25.27 -17.25
CA TYR B 64 10.38 25.51 -18.16
C TYR B 64 9.87 26.93 -17.96
N LEU B 65 9.66 27.62 -19.08
CA LEU B 65 9.14 28.98 -19.09
C LEU B 65 7.96 29.06 -20.05
N LEU B 66 7.10 30.03 -19.80
CA LEU B 66 5.94 30.29 -20.65
C LEU B 66 5.90 31.78 -20.98
N TYR B 67 5.94 32.10 -22.28
CA TYR B 67 5.79 33.47 -22.75
C TYR B 67 4.40 33.63 -23.36
N TYR B 68 3.76 34.75 -23.07
CA TYR B 68 2.40 34.98 -23.53
C TYR B 68 2.20 36.44 -23.91
N THR B 69 1.19 36.68 -24.74
CA THR B 69 0.81 38.02 -25.16
C THR B 69 -0.61 37.98 -25.70
N GLU B 70 -1.35 39.07 -25.48
CA GLU B 70 -2.72 39.17 -25.95
C GLU B 70 -2.74 39.62 -27.40
N PHE B 71 -3.71 39.10 -28.16
CA PHE B 71 -3.82 39.45 -29.58
C PHE B 71 -5.23 39.10 -30.06
N THR B 72 -5.45 39.29 -31.36
CA THR B 72 -6.71 38.92 -32.01
C THR B 72 -6.36 38.20 -33.30
N PRO B 73 -6.58 36.88 -33.39
CA PRO B 73 -6.17 36.15 -34.59
C PRO B 73 -6.98 36.57 -35.81
N THR B 74 -6.29 36.67 -36.95
CA THR B 74 -6.94 36.97 -38.22
C THR B 74 -6.54 35.95 -39.28
N GLU B 75 -6.94 36.19 -40.52
CA GLU B 75 -6.67 35.22 -41.59
C GLU B 75 -5.27 35.41 -42.16
N LYS B 76 -4.83 36.65 -42.36
CA LYS B 76 -3.56 36.93 -43.00
C LYS B 76 -2.39 36.98 -42.02
N ASP B 77 -2.64 37.23 -40.74
CA ASP B 77 -1.57 37.37 -39.77
C ASP B 77 -1.09 35.99 -39.33
N GLU B 78 0.21 35.73 -39.47
CA GLU B 78 0.84 34.53 -38.99
C GLU B 78 1.83 34.88 -37.89
N TYR B 79 1.89 34.05 -36.86
CA TYR B 79 2.74 34.28 -35.69
C TYR B 79 3.72 33.14 -35.51
N ALA B 80 4.82 33.43 -34.82
CA ALA B 80 5.85 32.43 -34.59
C ALA B 80 6.59 32.75 -33.30
N CYS B 81 7.41 31.80 -32.87
CA CYS B 81 8.23 31.94 -31.67
C CYS B 81 9.67 31.61 -32.02
N ARG B 82 10.58 32.54 -31.69
CA ARG B 82 12.00 32.37 -31.94
C ARG B 82 12.70 32.11 -30.60
N VAL B 83 13.34 30.94 -30.49
CA VAL B 83 14.02 30.52 -29.29
C VAL B 83 15.50 30.40 -29.59
N ASN B 84 16.33 31.07 -28.79
CA ASN B 84 17.79 30.99 -28.90
C ASN B 84 18.34 30.47 -27.59
N HIS B 85 19.11 29.39 -27.66
CA HIS B 85 19.67 28.75 -26.48
C HIS B 85 21.10 28.33 -26.76
N VAL B 86 21.83 28.02 -25.70
CA VAL B 86 23.23 27.60 -25.83
C VAL B 86 23.33 26.32 -26.64
N THR B 87 22.31 25.46 -26.58
CA THR B 87 22.31 24.20 -27.32
C THR B 87 21.94 24.37 -28.79
N LEU B 88 21.70 25.59 -29.25
CA LEU B 88 21.28 25.85 -30.62
C LEU B 88 22.33 26.72 -31.31
N SER B 89 22.88 26.23 -32.42
CA SER B 89 23.86 27.00 -33.17
C SER B 89 23.24 28.26 -33.76
N GLN B 90 21.98 28.19 -34.17
CA GLN B 90 21.25 29.34 -34.68
C GLN B 90 19.84 29.32 -34.10
N PRO B 91 19.23 30.50 -33.93
CA PRO B 91 17.90 30.55 -33.31
C PRO B 91 16.88 29.73 -34.08
N LYS B 92 16.09 28.96 -33.33
CA LYS B 92 15.09 28.06 -33.90
C LYS B 92 13.73 28.77 -33.92
N ILE B 93 13.08 28.75 -35.07
CA ILE B 93 11.79 29.40 -35.26
C ILE B 93 10.71 28.33 -35.39
N VAL B 94 9.69 28.42 -34.56
CA VAL B 94 8.55 27.51 -34.59
C VAL B 94 7.31 28.34 -34.92
N LYS B 95 6.64 27.99 -36.02
CA LYS B 95 5.49 28.74 -36.47
C LYS B 95 4.22 28.27 -35.77
N TRP B 96 3.28 29.20 -35.60
CA TRP B 96 1.98 28.86 -35.05
C TRP B 96 1.16 28.08 -36.07
N ASP B 97 0.34 27.16 -35.57
CA ASP B 97 -0.48 26.31 -36.43
C ASP B 97 -1.83 26.10 -35.76
N ARG B 98 -2.84 26.86 -36.21
CA ARG B 98 -4.20 26.65 -35.70
C ARG B 98 -4.74 25.30 -36.13
N ASP B 99 -4.62 24.97 -37.41
CA ASP B 99 -5.05 23.68 -37.95
C ASP B 99 -4.01 22.63 -37.56
N MET B 100 -4.05 22.24 -36.30
CA MET B 100 -3.20 21.16 -35.81
C MET B 100 -3.98 20.24 -34.88
N ALA C 1 4.26 29.02 4.02
CA ALA C 1 5.39 29.88 4.31
C ALA C 1 6.71 29.13 4.10
N LEU C 2 7.82 29.84 4.27
CA LEU C 2 9.15 29.30 4.02
C LEU C 2 9.84 28.88 5.32
N HIS C 3 11.00 28.26 5.15
CA HIS C 3 11.85 27.87 6.26
C HIS C 3 12.75 29.04 6.67
N GLY C 4 13.34 28.91 7.85
CA GLY C 4 14.09 30.01 8.45
C GLY C 4 15.55 30.09 8.05
N GLY C 5 16.19 28.93 7.92
CA GLY C 5 17.60 28.91 7.57
C GLY C 5 18.02 27.50 7.19
N TRP C 6 19.26 27.41 6.69
CA TRP C 6 19.81 26.13 6.31
C TRP C 6 21.32 26.21 6.35
N THR C 7 21.95 25.05 6.51
CA THR C 7 23.40 24.98 6.65
C THR C 7 24.07 25.00 5.28
N THR C 8 25.23 25.65 5.19
CA THR C 8 25.97 25.70 3.94
C THR C 8 26.50 24.31 3.58
N LYS C 9 26.59 24.07 2.28
CA LYS C 9 27.07 22.78 1.77
C LYS C 9 28.58 22.68 1.90
N ASN D 8 -25.56 -25.46 7.81
CA ASN D 8 -25.51 -25.72 9.25
C ASN D 8 -24.17 -25.27 9.84
N SER D 9 -24.23 -24.46 10.88
CA SER D 9 -23.05 -23.98 11.59
C SER D 9 -22.96 -24.65 12.95
N GLY D 10 -21.76 -25.08 13.32
CA GLY D 10 -21.55 -25.82 14.54
C GLY D 10 -21.49 -24.94 15.78
N PRO D 11 -20.68 -25.34 16.77
CA PRO D 11 -19.88 -26.57 16.75
C PRO D 11 -20.69 -27.82 17.07
N LEU D 12 -20.03 -28.98 17.08
CA LEU D 12 -20.68 -30.24 17.39
C LEU D 12 -20.36 -30.76 18.79
N SER D 13 -19.09 -30.66 19.21
CA SER D 13 -18.63 -31.20 20.49
C SER D 13 -18.91 -32.71 20.58
N VAL D 14 -18.28 -33.44 19.69
CA VAL D 14 -18.36 -34.91 19.66
C VAL D 14 -17.16 -35.45 20.42
N PRO D 15 -17.35 -36.27 21.45
CA PRO D 15 -16.21 -36.78 22.22
C PRO D 15 -15.38 -37.77 21.43
N GLU D 16 -14.12 -37.91 21.87
CA GLU D 16 -13.18 -38.79 21.19
C GLU D 16 -13.70 -40.22 21.13
N GLY D 17 -13.57 -40.85 19.97
CA GLY D 17 -14.04 -42.19 19.76
C GLY D 17 -15.48 -42.30 19.30
N ALA D 18 -16.22 -41.21 19.26
CA ALA D 18 -17.62 -41.24 18.88
C ALA D 18 -17.74 -41.06 17.37
N ILE D 19 -18.99 -40.98 16.89
CA ILE D 19 -19.29 -40.84 15.48
C ILE D 19 -19.83 -39.43 15.25
N ALA D 20 -19.07 -38.62 14.52
CA ALA D 20 -19.51 -37.29 14.16
C ALA D 20 -20.28 -37.32 12.85
N SER D 21 -21.32 -36.51 12.75
CA SER D 21 -22.13 -36.43 11.54
C SER D 21 -22.38 -34.98 11.19
N LEU D 22 -21.85 -34.55 10.04
CA LEU D 22 -22.06 -33.22 9.53
C LEU D 22 -23.01 -33.27 8.33
N ASN D 23 -23.69 -32.15 8.08
CA ASN D 23 -24.52 -32.01 6.91
C ASN D 23 -24.39 -30.58 6.38
N CYS D 24 -24.74 -30.40 5.12
CA CYS D 24 -24.48 -29.15 4.42
C CYS D 24 -25.73 -28.67 3.71
N THR D 25 -25.91 -27.34 3.68
CA THR D 25 -27.00 -26.70 2.96
C THR D 25 -26.42 -26.10 1.68
N TYR D 26 -26.83 -26.65 0.54
CA TYR D 26 -26.36 -26.19 -0.76
C TYR D 26 -27.49 -25.52 -1.51
N SER D 27 -27.24 -24.31 -2.03
CA SER D 27 -28.29 -23.52 -2.65
C SER D 27 -28.53 -23.93 -4.10
N ASP D 28 -27.47 -23.93 -4.92
CA ASP D 28 -27.61 -24.16 -6.35
C ASP D 28 -28.06 -25.60 -6.62
N ARG D 29 -29.18 -25.75 -7.32
CA ARG D 29 -29.76 -27.06 -7.60
C ARG D 29 -29.20 -27.70 -8.86
N GLY D 30 -28.24 -27.06 -9.52
CA GLY D 30 -27.72 -27.56 -10.77
C GLY D 30 -26.43 -28.33 -10.71
N SER D 31 -25.88 -28.55 -9.52
CA SER D 31 -24.61 -29.25 -9.41
C SER D 31 -24.79 -30.75 -9.59
N GLN D 32 -23.71 -31.42 -9.97
CA GLN D 32 -23.73 -32.84 -10.30
C GLN D 32 -22.78 -33.68 -9.48
N SER D 33 -21.64 -33.14 -9.07
CA SER D 33 -20.68 -33.86 -8.24
C SER D 33 -20.37 -33.04 -6.99
N PHE D 34 -20.22 -33.73 -5.86
CA PHE D 34 -20.09 -33.06 -4.58
C PHE D 34 -18.81 -33.48 -3.88
N PHE D 35 -18.30 -32.59 -3.04
CA PHE D 35 -16.99 -32.77 -2.43
C PHE D 35 -17.03 -32.29 -1.00
N TRP D 36 -16.35 -33.03 -0.12
CA TRP D 36 -16.15 -32.65 1.26
C TRP D 36 -14.69 -32.22 1.44
N TYR D 37 -14.50 -30.93 1.74
CA TYR D 37 -13.21 -30.35 2.06
C TYR D 37 -13.09 -30.15 3.56
N ARG D 38 -11.89 -30.33 4.09
CA ARG D 38 -11.58 -30.06 5.49
C ARG D 38 -10.62 -28.89 5.55
N GLN D 39 -10.86 -27.98 6.50
CA GLN D 39 -10.04 -26.78 6.63
C GLN D 39 -9.75 -26.56 8.11
N TYR D 40 -8.50 -26.68 8.50
CA TYR D 40 -8.11 -26.28 9.84
C TYR D 40 -8.00 -24.77 9.92
N SER D 41 -8.00 -24.25 11.15
CA SER D 41 -8.05 -22.81 11.35
C SER D 41 -6.82 -22.14 10.73
N GLY D 42 -7.05 -21.14 9.89
CA GLY D 42 -6.00 -20.42 9.22
C GLY D 42 -5.48 -21.09 7.97
N LYS D 43 -5.46 -22.43 7.94
CA LYS D 43 -4.93 -23.16 6.80
C LYS D 43 -5.90 -23.10 5.62
N SER D 44 -5.55 -23.84 4.55
CA SER D 44 -6.30 -23.89 3.30
C SER D 44 -7.16 -25.15 3.24
N PRO D 45 -8.31 -25.09 2.57
CA PRO D 45 -9.18 -26.27 2.49
C PRO D 45 -8.51 -27.38 1.68
N GLU D 46 -8.53 -28.59 2.23
CA GLU D 46 -7.98 -29.76 1.56
C GLU D 46 -9.10 -30.78 1.35
N LEU D 47 -9.16 -31.35 0.15
CA LEU D 47 -10.23 -32.30 -0.17
C LEU D 47 -10.06 -33.60 0.61
N ILE D 48 -11.16 -34.09 1.17
CA ILE D 48 -11.18 -35.37 1.86
C ILE D 48 -12.18 -36.35 1.28
N MET D 49 -13.28 -35.90 0.65
CA MET D 49 -14.22 -36.85 0.06
C MET D 49 -14.73 -36.34 -1.28
N SER D 50 -14.94 -37.27 -2.21
CA SER D 50 -15.57 -36.96 -3.49
C SER D 50 -16.70 -37.95 -3.70
N ILE D 51 -17.87 -37.45 -4.09
CA ILE D 51 -19.03 -38.31 -4.33
C ILE D 51 -19.71 -37.84 -5.63
N TYR D 52 -20.01 -38.79 -6.50
CA TYR D 52 -20.60 -38.52 -7.80
C TYR D 52 -21.97 -39.13 -7.98
N SER D 53 -22.20 -40.33 -7.46
CA SER D 53 -23.48 -41.01 -7.61
C SER D 53 -24.37 -40.74 -6.40
N ASN D 54 -25.68 -40.70 -6.65
CA ASN D 54 -26.64 -40.49 -5.58
C ASN D 54 -26.64 -41.69 -4.64
N GLY D 55 -26.50 -41.42 -3.35
CA GLY D 55 -26.44 -42.51 -2.38
C GLY D 55 -25.30 -42.40 -1.40
N ASP D 56 -24.62 -43.52 -1.12
CA ASP D 56 -23.57 -43.58 -0.12
C ASP D 56 -22.23 -43.90 -0.76
N LYS D 57 -21.17 -43.50 -0.06
CA LYS D 57 -19.80 -43.85 -0.43
C LYS D 57 -18.95 -43.80 0.83
N GLU D 58 -17.98 -44.69 0.94
CA GLU D 58 -17.15 -44.74 2.13
C GLU D 58 -15.67 -44.87 1.76
N ASP D 59 -14.83 -44.22 2.56
CA ASP D 59 -13.38 -44.25 2.39
C ASP D 59 -12.73 -44.10 3.75
N GLY D 60 -12.03 -45.14 4.19
CA GLY D 60 -11.35 -45.09 5.48
C GLY D 60 -12.34 -44.93 6.61
N ARG D 61 -12.18 -43.86 7.39
CA ARG D 61 -13.09 -43.55 8.48
C ARG D 61 -14.24 -42.65 8.06
N PHE D 62 -14.23 -42.16 6.82
CA PHE D 62 -15.21 -41.19 6.35
C PHE D 62 -16.28 -41.86 5.49
N THR D 63 -17.49 -41.34 5.57
CA THR D 63 -18.62 -41.86 4.79
C THR D 63 -19.47 -40.69 4.30
N ALA D 64 -19.44 -40.45 2.99
CA ALA D 64 -20.23 -39.38 2.40
C ALA D 64 -21.58 -39.92 1.90
N GLN D 65 -22.57 -39.04 1.91
CA GLN D 65 -23.94 -39.38 1.53
C GLN D 65 -24.56 -38.21 0.80
N LEU D 66 -25.31 -38.52 -0.26
CA LEU D 66 -25.85 -37.51 -1.17
C LEU D 66 -27.26 -37.89 -1.60
N ASN D 67 -28.16 -36.91 -1.56
CA ASN D 67 -29.49 -37.00 -2.17
C ASN D 67 -29.71 -35.69 -2.91
N LYS D 68 -29.56 -35.72 -4.23
CA LYS D 68 -29.61 -34.49 -5.04
C LYS D 68 -31.02 -33.91 -5.07
N ALA D 69 -32.04 -34.78 -5.13
CA ALA D 69 -33.41 -34.30 -5.24
C ALA D 69 -33.78 -33.38 -4.08
N SER D 70 -33.22 -33.62 -2.89
CA SER D 70 -33.46 -32.80 -1.72
C SER D 70 -32.25 -31.95 -1.34
N GLN D 71 -31.21 -31.96 -2.17
CA GLN D 71 -30.01 -31.14 -1.94
C GLN D 71 -29.39 -31.44 -0.58
N TYR D 72 -29.34 -32.71 -0.23
CA TYR D 72 -28.82 -33.15 1.06
C TYR D 72 -27.43 -33.75 0.85
N VAL D 73 -26.43 -33.17 1.49
CA VAL D 73 -25.07 -33.71 1.50
C VAL D 73 -24.66 -33.88 2.95
N SER D 74 -24.10 -35.05 3.27
CA SER D 74 -23.73 -35.35 4.66
C SER D 74 -22.42 -36.12 4.69
N LEU D 75 -21.68 -35.93 5.78
CA LEU D 75 -20.43 -36.62 6.05
C LEU D 75 -20.53 -37.31 7.40
N LEU D 76 -19.93 -38.50 7.49
CA LEU D 76 -19.95 -39.29 8.71
C LEU D 76 -18.51 -39.67 9.04
N ILE D 77 -17.98 -39.09 10.12
CA ILE D 77 -16.62 -39.37 10.58
C ILE D 77 -16.71 -40.39 11.70
N ARG D 78 -16.15 -41.57 11.45
CA ARG D 78 -16.18 -42.67 12.40
C ARG D 78 -14.92 -42.65 13.26
N ASP D 79 -15.11 -42.89 14.56
CA ASP D 79 -14.01 -42.89 15.54
C ASP D 79 -13.27 -41.55 15.52
N SER D 80 -14.02 -40.50 15.89
CA SER D 80 -13.47 -39.15 15.84
C SER D 80 -12.23 -39.03 16.72
N GLN D 81 -11.22 -38.34 16.19
CA GLN D 81 -9.97 -38.09 16.87
C GLN D 81 -9.79 -36.59 17.11
N PRO D 82 -8.97 -36.20 18.08
CA PRO D 82 -8.74 -34.76 18.29
C PRO D 82 -8.18 -34.05 17.07
N SER D 83 -7.55 -34.77 16.16
CA SER D 83 -7.03 -34.19 14.92
C SER D 83 -8.09 -33.98 13.85
N ASP D 84 -9.36 -34.12 14.20
CA ASP D 84 -10.45 -33.88 13.27
C ASP D 84 -11.19 -32.58 13.52
N SER D 85 -10.80 -31.82 14.54
CA SER D 85 -11.47 -30.57 14.89
C SER D 85 -11.11 -29.50 13.85
N ALA D 86 -12.06 -29.15 13.00
CA ALA D 86 -11.82 -28.22 11.90
C ALA D 86 -13.17 -27.83 11.31
N THR D 87 -13.15 -26.95 10.32
CA THR D 87 -14.36 -26.60 9.59
C THR D 87 -14.45 -27.48 8.34
N TYR D 88 -15.58 -28.16 8.19
CA TYR D 88 -15.82 -29.01 7.04
C TYR D 88 -16.80 -28.31 6.09
N LEU D 89 -16.40 -28.19 4.84
CA LEU D 89 -17.16 -27.50 3.80
C LEU D 89 -17.61 -28.50 2.74
N CYS D 90 -18.79 -28.26 2.17
CA CYS D 90 -19.26 -29.01 1.02
C CYS D 90 -19.20 -28.12 -0.21
N ALA D 91 -18.86 -28.72 -1.34
CA ALA D 91 -18.76 -28.01 -2.59
C ALA D 91 -19.43 -28.83 -3.69
N GLY D 92 -19.87 -28.15 -4.73
CA GLY D 92 -20.52 -28.81 -5.85
C GLY D 92 -20.02 -28.25 -7.17
N ASN D 93 -19.96 -29.13 -8.17
CA ASN D 93 -19.55 -28.72 -9.50
C ASN D 93 -20.29 -29.54 -10.53
N THR D 94 -20.16 -29.14 -11.79
CA THR D 94 -20.85 -29.77 -12.90
C THR D 94 -19.89 -30.40 -13.91
N GLY D 95 -18.61 -30.50 -13.58
CA GLY D 95 -17.66 -31.08 -14.52
C GLY D 95 -16.27 -31.06 -13.94
N THR D 96 -15.30 -31.37 -14.81
CA THR D 96 -13.91 -31.49 -14.37
C THR D 96 -13.34 -30.13 -13.98
N ALA D 97 -13.47 -29.13 -14.86
CA ALA D 97 -12.95 -27.80 -14.59
C ALA D 97 -14.06 -26.78 -14.35
N SER D 98 -15.25 -27.24 -13.97
CA SER D 98 -16.32 -26.30 -13.67
C SER D 98 -16.05 -25.59 -12.34
N LYS D 99 -16.88 -24.58 -12.06
CA LYS D 99 -16.68 -23.79 -10.84
C LYS D 99 -17.24 -24.53 -9.63
N LEU D 100 -16.48 -24.54 -8.54
CA LEU D 100 -16.94 -25.05 -7.26
C LEU D 100 -17.64 -23.94 -6.50
N THR D 101 -18.83 -24.24 -6.00
CA THR D 101 -19.56 -23.32 -5.13
C THR D 101 -19.66 -23.98 -3.75
N PHE D 102 -19.20 -23.27 -2.73
CA PHE D 102 -19.20 -23.80 -1.37
C PHE D 102 -20.45 -23.38 -0.63
N GLY D 103 -20.94 -24.29 0.23
CA GLY D 103 -22.02 -23.98 1.14
C GLY D 103 -21.51 -23.58 2.51
N THR D 104 -22.47 -23.34 3.41
CA THR D 104 -22.14 -23.01 4.79
C THR D 104 -21.51 -24.23 5.47
N GLY D 105 -20.22 -24.15 5.75
CA GLY D 105 -19.54 -25.23 6.43
C GLY D 105 -19.93 -25.35 7.88
N THR D 106 -19.43 -26.40 8.52
CA THR D 106 -19.75 -26.69 9.91
C THR D 106 -18.48 -26.96 10.70
N ARG D 107 -18.45 -26.47 11.94
CA ARG D 107 -17.27 -26.61 12.79
C ARG D 107 -17.40 -27.86 13.65
N LEU D 108 -16.40 -28.74 13.58
CA LEU D 108 -16.35 -29.96 14.38
C LEU D 108 -15.25 -29.84 15.41
N GLN D 109 -15.59 -30.12 16.67
CA GLN D 109 -14.66 -30.06 17.77
C GLN D 109 -14.72 -31.38 18.52
N VAL D 110 -13.60 -32.09 18.58
CA VAL D 110 -13.51 -33.39 19.22
C VAL D 110 -12.88 -33.23 20.59
N THR D 111 -13.65 -33.54 21.63
CA THR D 111 -13.19 -33.36 23.00
C THR D 111 -12.40 -34.58 23.47
N LEU D 112 -11.42 -34.33 24.33
CA LEU D 112 -10.55 -35.37 24.85
C LEU D 112 -10.97 -35.80 26.24
N ASN D 113 -10.78 -37.08 26.54
CA ASN D 113 -11.17 -37.66 27.82
C ASN D 113 -9.93 -37.84 28.69
N ILE D 114 -9.91 -37.15 29.83
CA ILE D 114 -8.78 -37.21 30.76
C ILE D 114 -9.04 -38.30 31.79
N GLN D 115 -8.03 -39.16 32.01
CA GLN D 115 -8.20 -40.27 32.94
C GLN D 115 -7.96 -39.82 34.38
N ASN D 116 -6.84 -39.13 34.64
CA ASN D 116 -6.44 -38.74 35.98
C ASN D 116 -6.40 -37.23 36.09
N PRO D 117 -7.52 -36.58 36.43
CA PRO D 117 -7.52 -35.12 36.60
C PRO D 117 -7.04 -34.72 37.97
N ASP D 118 -6.33 -33.60 38.02
CA ASP D 118 -5.82 -33.04 39.28
C ASP D 118 -5.89 -31.51 39.19
N PRO D 119 -7.09 -30.95 39.32
CA PRO D 119 -7.25 -29.50 39.15
C PRO D 119 -6.51 -28.71 40.24
N ALA D 120 -5.88 -27.62 39.82
CA ALA D 120 -5.13 -26.74 40.70
C ALA D 120 -4.88 -25.42 39.99
N VAL D 121 -4.55 -24.40 40.79
CA VAL D 121 -4.25 -23.06 40.27
C VAL D 121 -2.90 -22.63 40.84
N TYR D 122 -2.03 -22.15 39.96
CA TYR D 122 -0.68 -21.72 40.35
C TYR D 122 -0.49 -20.24 40.02
N GLN D 123 0.68 -19.72 40.36
CA GLN D 123 1.03 -18.34 40.07
C GLN D 123 2.46 -18.29 39.58
N LEU D 124 2.69 -17.58 38.47
CA LEU D 124 4.01 -17.48 37.85
C LEU D 124 4.46 -16.03 37.90
N ARG D 125 5.71 -15.80 38.31
CA ARG D 125 6.28 -14.48 38.44
C ARG D 125 7.53 -14.38 37.59
N ASP D 126 7.59 -13.35 36.74
CA ASP D 126 8.78 -13.13 35.91
C ASP D 126 8.81 -11.67 35.46
N SER D 127 9.77 -10.91 35.97
CA SER D 127 10.10 -9.57 35.49
C SER D 127 8.93 -8.59 35.59
N LYS D 128 7.92 -8.90 36.40
CA LYS D 128 6.78 -8.01 36.57
C LYS D 128 6.24 -8.09 38.01
N SER D 133 2.38 -10.97 36.52
CA SER D 133 1.72 -11.97 37.36
C SER D 133 0.59 -12.66 36.61
N VAL D 134 0.70 -13.98 36.45
CA VAL D 134 -0.32 -14.78 35.77
C VAL D 134 -0.70 -15.93 36.68
N CYS D 135 -1.93 -16.43 36.50
CA CYS D 135 -2.44 -17.58 37.24
C CYS D 135 -2.75 -18.69 36.25
N LEU D 136 -2.04 -19.81 36.37
CA LEU D 136 -2.27 -20.96 35.51
C LEU D 136 -3.21 -21.95 36.20
N PHE D 137 -4.23 -22.38 35.47
CA PHE D 137 -5.22 -23.34 35.96
C PHE D 137 -5.21 -24.53 35.01
N THR D 138 -4.58 -25.62 35.43
CA THR D 138 -4.35 -26.76 34.55
C THR D 138 -4.87 -28.05 35.19
N ASP D 139 -4.80 -29.12 34.41
CA ASP D 139 -5.13 -30.47 34.87
C ASP D 139 -6.57 -30.58 35.36
N PHE D 140 -7.49 -29.95 34.64
CA PHE D 140 -8.90 -30.00 35.01
C PHE D 140 -9.67 -30.88 34.03
N ASP D 141 -10.85 -31.31 34.48
CA ASP D 141 -11.67 -32.25 33.73
C ASP D 141 -12.07 -31.67 32.37
N SER D 142 -12.42 -32.57 31.45
CA SER D 142 -12.86 -32.15 30.13
C SER D 142 -14.19 -31.42 30.19
N GLN D 143 -15.06 -31.80 31.13
CA GLN D 143 -16.37 -31.19 31.28
C GLN D 143 -16.28 -30.08 32.32
N THR D 144 -15.76 -28.93 31.91
CA THR D 144 -15.62 -27.78 32.79
C THR D 144 -15.70 -26.52 31.95
N ASN D 145 -16.77 -25.75 32.11
CA ASN D 145 -16.94 -24.51 31.38
C ASN D 145 -16.12 -23.40 32.01
N VAL D 146 -15.39 -22.66 31.17
CA VAL D 146 -14.50 -21.60 31.63
C VAL D 146 -15.09 -20.27 31.19
N SER D 147 -15.56 -19.48 32.14
CA SER D 147 -16.09 -18.16 31.83
C SER D 147 -14.96 -17.23 31.39
N GLN D 148 -15.34 -16.14 30.74
CA GLN D 148 -14.38 -15.28 30.05
C GLN D 148 -13.88 -14.10 30.89
N SER D 149 -14.76 -13.40 31.59
CA SER D 149 -14.30 -12.23 32.35
C SER D 149 -15.32 -11.89 33.41
N LYS D 150 -14.89 -11.88 34.67
CA LYS D 150 -15.72 -11.35 35.75
C LYS D 150 -15.69 -9.82 35.76
N ASP D 151 -14.50 -9.25 35.63
CA ASP D 151 -14.31 -7.81 35.52
C ASP D 151 -13.88 -7.46 34.10
N SER D 152 -13.62 -6.18 33.87
CA SER D 152 -13.18 -5.73 32.56
C SER D 152 -11.67 -5.61 32.44
N ASP D 153 -10.99 -5.28 33.55
CA ASP D 153 -9.53 -5.19 33.56
C ASP D 153 -8.85 -6.54 33.75
N VAL D 154 -9.62 -7.63 33.73
CA VAL D 154 -9.06 -8.98 33.85
C VAL D 154 -9.22 -9.69 32.51
N TYR D 155 -8.26 -10.55 32.20
CA TYR D 155 -8.25 -11.27 30.93
C TYR D 155 -8.13 -12.76 31.23
N ILE D 156 -9.14 -13.53 30.82
CA ILE D 156 -9.13 -14.98 30.96
C ILE D 156 -9.33 -15.59 29.58
N THR D 157 -8.41 -16.46 29.18
CA THR D 157 -8.50 -17.16 27.91
C THR D 157 -9.28 -18.45 28.07
N ASP D 158 -9.64 -19.04 26.93
CA ASP D 158 -10.39 -20.28 26.92
C ASP D 158 -9.44 -21.46 27.14
N LYS D 159 -9.94 -22.68 26.94
CA LYS D 159 -9.22 -23.88 27.30
C LYS D 159 -8.03 -24.11 26.37
N CYS D 160 -7.15 -25.01 26.80
CA CYS D 160 -5.99 -25.42 26.01
C CYS D 160 -5.66 -26.86 26.36
N VAL D 161 -5.12 -27.59 25.40
CA VAL D 161 -4.86 -29.02 25.53
C VAL D 161 -3.39 -29.28 25.29
N LEU D 162 -2.67 -29.70 26.34
CA LEU D 162 -1.26 -30.07 26.26
C LEU D 162 -1.15 -31.59 26.19
N ASP D 163 -0.51 -32.08 25.13
CA ASP D 163 -0.33 -33.51 24.89
C ASP D 163 1.15 -33.84 24.96
N MET D 164 1.62 -34.21 26.16
CA MET D 164 2.97 -34.74 26.30
C MET D 164 3.01 -36.12 25.65
N ARG D 165 3.60 -36.18 24.47
CA ARG D 165 3.64 -37.42 23.69
C ARG D 165 4.71 -38.39 24.18
N SER D 166 5.63 -37.95 25.02
CA SER D 166 6.60 -38.86 25.63
C SER D 166 5.96 -39.74 26.68
N MET D 167 4.76 -39.38 27.16
CA MET D 167 4.04 -40.18 28.13
C MET D 167 2.60 -40.46 27.71
N ASP D 168 2.18 -39.99 26.54
CA ASP D 168 0.77 -40.03 26.13
C ASP D 168 -0.12 -39.39 27.19
N PHE D 169 0.39 -38.34 27.82
CA PHE D 169 -0.29 -37.66 28.92
C PHE D 169 -0.94 -36.39 28.37
N LYS D 170 -2.26 -36.35 28.37
CA LYS D 170 -3.01 -35.22 27.85
C LYS D 170 -3.73 -34.50 28.98
N SER D 171 -3.57 -33.19 29.04
CA SER D 171 -4.14 -32.37 30.11
C SER D 171 -4.70 -31.08 29.52
N ASN D 172 -5.49 -30.38 30.31
CA ASN D 172 -6.08 -29.10 29.93
C ASN D 172 -5.47 -27.98 30.76
N SER D 173 -5.70 -26.76 30.31
CA SER D 173 -5.11 -25.59 30.95
C SER D 173 -5.89 -24.34 30.54
N ALA D 174 -5.65 -23.26 31.28
CA ALA D 174 -6.22 -21.94 31.03
C ALA D 174 -5.45 -20.92 31.85
N VAL D 175 -5.37 -19.69 31.35
CA VAL D 175 -4.52 -18.66 31.92
C VAL D 175 -5.32 -17.38 32.11
N ALA D 176 -5.16 -16.74 33.27
CA ALA D 176 -5.70 -15.43 33.55
C ALA D 176 -4.60 -14.54 34.11
N TRP D 177 -4.68 -13.25 33.80
CA TRP D 177 -3.67 -12.30 34.26
C TRP D 177 -4.27 -10.92 34.38
N SER D 178 -3.56 -10.06 35.09
CA SER D 178 -3.91 -8.66 35.27
C SER D 178 -2.74 -7.97 35.96
N ASN D 179 -2.83 -6.64 36.06
CA ASN D 179 -1.80 -5.81 36.71
C ASN D 179 -2.49 -4.87 37.70
N LYS D 180 -2.72 -5.37 38.91
CA LYS D 180 -3.37 -4.59 39.97
C LYS D 180 -3.26 -5.39 41.26
N SER D 181 -3.54 -4.70 42.38
CA SER D 181 -3.55 -5.35 43.68
C SER D 181 -4.79 -6.21 43.89
N ASP D 182 -5.83 -6.02 43.08
CA ASP D 182 -7.08 -6.76 43.20
C ASP D 182 -7.06 -8.09 42.44
N PHE D 183 -5.88 -8.64 42.17
CA PHE D 183 -5.75 -9.86 41.39
C PHE D 183 -5.00 -10.90 42.23
N ALA D 184 -5.74 -11.88 42.74
CA ALA D 184 -5.18 -13.04 43.41
C ALA D 184 -5.66 -14.29 42.69
N CYS D 185 -4.82 -15.32 42.67
CA CYS D 185 -5.18 -16.55 41.96
C CYS D 185 -6.34 -17.28 42.62
N ALA D 186 -6.66 -16.96 43.87
CA ALA D 186 -7.82 -17.58 44.51
C ALA D 186 -9.12 -16.96 44.04
N ASN D 187 -9.11 -15.70 43.65
CA ASN D 187 -10.30 -15.02 43.15
C ASN D 187 -10.19 -14.67 41.67
N ALA D 188 -9.18 -15.19 40.98
CA ALA D 188 -9.05 -14.92 39.54
C ALA D 188 -10.20 -15.56 38.77
N PHE D 189 -10.55 -16.79 39.11
CA PHE D 189 -11.64 -17.51 38.44
C PHE D 189 -12.89 -17.41 39.31
N ASN D 190 -13.53 -16.24 39.24
CA ASN D 190 -14.73 -16.03 40.04
C ASN D 190 -15.90 -16.87 39.51
N ASN D 191 -16.03 -16.98 38.19
CA ASN D 191 -17.05 -17.80 37.57
C ASN D 191 -16.42 -19.12 37.15
N SER D 192 -16.21 -19.99 38.15
CA SER D 192 -15.64 -21.31 37.91
C SER D 192 -16.25 -22.29 38.91
N ILE D 193 -15.94 -23.58 38.71
CA ILE D 193 -16.73 -24.68 39.26
C ILE D 193 -15.90 -25.59 40.16
N ILE D 194 -14.78 -26.11 39.65
CA ILE D 194 -14.18 -27.33 40.23
C ILE D 194 -13.68 -27.05 41.65
N PRO D 195 -14.03 -27.89 42.64
CA PRO D 195 -13.54 -27.74 44.03
C PRO D 195 -12.24 -28.48 44.29
N GLU D 196 -11.16 -28.02 43.67
CA GLU D 196 -9.83 -28.55 43.91
C GLU D 196 -8.82 -27.47 43.54
N ASP D 197 -7.79 -27.30 44.37
CA ASP D 197 -6.99 -26.09 44.36
C ASP D 197 -5.52 -26.47 44.50
N THR D 198 -4.69 -25.48 44.84
CA THR D 198 -3.24 -25.62 45.00
C THR D 198 -2.80 -26.89 45.72
N SER E 3 2.66 -28.55 -1.67
CA SER E 3 1.37 -28.06 -2.15
C SER E 3 1.35 -27.94 -3.67
N GLY E 4 2.23 -27.09 -4.21
CA GLY E 4 2.32 -26.83 -5.63
C GLY E 4 1.79 -25.47 -6.04
N VAL E 5 0.82 -24.94 -5.31
CA VAL E 5 0.24 -23.62 -5.59
C VAL E 5 0.93 -22.59 -4.70
N THR E 6 1.33 -21.47 -5.31
CA THR E 6 2.09 -20.44 -4.59
C THR E 6 1.38 -19.10 -4.75
N GLN E 7 1.00 -18.50 -3.62
CA GLN E 7 0.37 -17.19 -3.61
C GLN E 7 1.30 -16.16 -2.98
N THR E 8 1.28 -14.94 -3.54
CA THR E 8 2.07 -13.83 -2.99
C THR E 8 1.23 -12.56 -3.03
N PRO E 9 1.29 -11.73 -1.97
CA PRO E 9 2.04 -12.01 -0.74
C PRO E 9 1.23 -12.89 0.21
N LYS E 10 1.76 -13.17 1.39
CA LYS E 10 1.02 -13.94 2.37
C LYS E 10 0.23 -13.05 3.32
N HIS E 11 0.79 -11.89 3.68
CA HIS E 11 0.12 -10.91 4.52
C HIS E 11 0.25 -9.54 3.89
N LEU E 12 -0.83 -8.75 3.95
CA LEU E 12 -0.84 -7.43 3.34
C LEU E 12 -1.74 -6.52 4.15
N ILE E 13 -1.23 -5.32 4.46
CA ILE E 13 -1.95 -4.34 5.26
C ILE E 13 -1.93 -3.02 4.50
N THR E 14 -3.11 -2.56 4.07
CA THR E 14 -3.22 -1.32 3.31
C THR E 14 -4.40 -0.52 3.83
N ALA E 15 -4.55 0.69 3.30
CA ALA E 15 -5.58 1.62 3.72
C ALA E 15 -6.75 1.59 2.75
N THR E 16 -7.79 2.36 3.06
CA THR E 16 -8.97 2.43 2.22
C THR E 16 -8.68 3.20 0.94
N GLY E 17 -9.38 2.83 -0.14
CA GLY E 17 -9.22 3.50 -1.41
C GLY E 17 -7.95 3.16 -2.17
N GLN E 18 -7.22 2.12 -1.75
CA GLN E 18 -5.98 1.73 -2.40
C GLN E 18 -6.23 0.60 -3.38
N ARG E 19 -5.17 0.20 -4.09
CA ARG E 19 -5.21 -0.91 -5.03
C ARG E 19 -4.11 -1.89 -4.67
N VAL E 20 -4.46 -3.18 -4.59
CA VAL E 20 -3.51 -4.23 -4.28
C VAL E 20 -3.56 -5.29 -5.37
N THR E 21 -2.47 -6.04 -5.50
CA THR E 21 -2.37 -7.09 -6.50
C THR E 21 -1.93 -8.38 -5.83
N LEU E 22 -2.61 -9.48 -6.16
CA LEU E 22 -2.33 -10.80 -5.60
C LEU E 22 -1.91 -11.72 -6.73
N ARG E 23 -0.70 -12.26 -6.64
CA ARG E 23 -0.14 -13.13 -7.67
C ARG E 23 -0.28 -14.58 -7.24
N CYS E 24 -0.54 -15.46 -8.22
CA CYS E 24 -0.74 -16.87 -7.92
C CYS E 24 -0.19 -17.73 -9.05
N SER E 25 0.80 -18.56 -8.73
CA SER E 25 1.29 -19.55 -9.68
C SER E 25 0.68 -20.90 -9.34
N PRO E 26 0.04 -21.56 -10.29
CA PRO E 26 -0.68 -22.81 -10.02
C PRO E 26 0.29 -23.98 -9.94
N ARG E 27 -0.28 -25.15 -9.65
CA ARG E 27 0.53 -26.37 -9.56
C ARG E 27 1.05 -26.75 -10.92
N SER E 28 2.27 -27.29 -10.96
CA SER E 28 2.86 -27.73 -12.21
C SER E 28 2.02 -28.85 -12.80
N GLY E 29 1.37 -28.58 -13.93
CA GLY E 29 0.49 -29.53 -14.58
C GLY E 29 -0.95 -29.11 -14.65
N ASP E 30 -1.34 -28.01 -14.00
CA ASP E 30 -2.72 -27.54 -14.03
C ASP E 30 -2.86 -26.33 -14.93
N LEU E 31 -4.03 -26.20 -15.55
CA LEU E 31 -4.34 -25.12 -16.47
C LEU E 31 -5.27 -24.07 -15.88
N SER E 32 -6.25 -24.46 -15.08
CA SER E 32 -7.26 -23.54 -14.59
C SER E 32 -6.85 -22.94 -13.25
N VAL E 33 -7.26 -21.70 -13.03
CA VAL E 33 -6.95 -20.96 -11.80
C VAL E 33 -8.24 -20.33 -11.28
N TYR E 34 -8.59 -20.65 -10.04
CA TYR E 34 -9.80 -20.16 -9.38
C TYR E 34 -9.40 -19.20 -8.26
N TRP E 35 -10.12 -18.08 -8.18
CA TRP E 35 -9.97 -17.11 -7.10
C TRP E 35 -11.25 -17.10 -6.28
N TYR E 36 -11.11 -17.35 -4.97
CA TYR E 36 -12.18 -17.37 -3.97
C TYR E 36 -11.90 -16.35 -2.88
N GLN E 37 -12.96 -15.88 -2.24
CA GLN E 37 -12.87 -14.98 -1.10
C GLN E 37 -13.59 -15.60 0.09
N GLN E 38 -12.95 -15.59 1.26
CA GLN E 38 -13.54 -16.12 2.48
C GLN E 38 -13.49 -15.04 3.55
N SER E 39 -14.66 -14.50 3.90
CA SER E 39 -14.80 -13.61 5.04
C SER E 39 -15.22 -14.40 6.27
N LEU E 40 -15.21 -13.72 7.42
CA LEU E 40 -15.68 -14.38 8.64
C LEU E 40 -17.18 -14.60 8.60
N ASP E 41 -17.93 -13.65 8.06
CA ASP E 41 -19.38 -13.77 8.02
C ASP E 41 -19.81 -14.95 7.17
N GLN E 42 -19.51 -14.90 5.87
CA GLN E 42 -19.89 -15.95 4.94
C GLN E 42 -18.79 -17.02 4.90
N GLY E 43 -18.89 -17.94 3.97
CA GLY E 43 -17.87 -18.94 3.74
C GLY E 43 -16.98 -18.58 2.57
N LEU E 44 -16.59 -19.58 1.80
CA LEU E 44 -15.80 -19.38 0.59
C LEU E 44 -16.73 -18.90 -0.52
N GLN E 45 -16.52 -17.66 -0.96
CA GLN E 45 -17.29 -17.07 -2.05
C GLN E 45 -16.49 -17.15 -3.33
N PHE E 46 -17.08 -17.72 -4.39
CA PHE E 46 -16.39 -17.82 -5.67
C PHE E 46 -16.30 -16.46 -6.33
N LEU E 47 -15.07 -16.03 -6.63
CA LEU E 47 -14.86 -14.75 -7.31
C LEU E 47 -14.76 -14.94 -8.83
N ILE E 48 -13.77 -15.71 -9.28
CA ILE E 48 -13.54 -15.82 -10.72
C ILE E 48 -12.73 -17.09 -11.01
N GLN E 49 -12.73 -17.51 -12.27
CA GLN E 49 -11.93 -18.65 -12.70
C GLN E 49 -11.51 -18.47 -14.14
N TYR E 50 -10.20 -18.53 -14.38
CA TYR E 50 -9.62 -18.50 -15.71
C TYR E 50 -9.14 -19.89 -16.10
N TYR E 51 -9.07 -20.13 -17.40
CA TYR E 51 -8.67 -21.43 -17.95
C TYR E 51 -7.79 -21.20 -19.16
N ASN E 52 -6.48 -21.44 -19.00
CA ASN E 52 -5.51 -21.37 -20.09
C ASN E 52 -5.50 -19.99 -20.77
N GLY E 53 -5.61 -18.94 -19.95
CA GLY E 53 -5.54 -17.58 -20.42
C GLY E 53 -6.89 -16.91 -20.62
N GLU E 54 -7.92 -17.68 -20.95
CA GLU E 54 -9.26 -17.14 -21.17
C GLU E 54 -10.09 -17.22 -19.91
N GLU E 55 -11.14 -16.41 -19.86
CA GLU E 55 -12.07 -16.40 -18.74
C GLU E 55 -13.01 -17.59 -18.86
N ARG E 56 -13.08 -18.40 -17.81
CA ARG E 56 -13.90 -19.60 -17.82
C ARG E 56 -15.19 -19.44 -17.02
N ALA E 57 -15.15 -18.77 -15.88
CA ALA E 57 -16.35 -18.60 -15.06
C ALA E 57 -16.22 -17.33 -14.23
N LYS E 58 -17.36 -16.68 -14.00
CA LYS E 58 -17.43 -15.46 -13.21
C LYS E 58 -18.63 -15.52 -12.29
N GLY E 59 -18.41 -15.23 -11.00
CA GLY E 59 -19.49 -15.22 -10.03
C GLY E 59 -19.84 -13.82 -9.56
N ASN E 60 -20.35 -13.70 -8.34
CA ASN E 60 -20.68 -12.39 -7.78
C ASN E 60 -19.41 -11.64 -7.43
N ILE E 61 -18.92 -10.81 -8.35
CA ILE E 61 -17.67 -10.08 -8.18
C ILE E 61 -17.91 -8.63 -8.54
N LEU E 62 -17.42 -7.72 -7.71
CA LEU E 62 -17.62 -6.30 -7.93
C LEU E 62 -16.86 -5.83 -9.15
N GLU E 63 -17.30 -4.70 -9.70
CA GLU E 63 -16.61 -4.10 -10.85
C GLU E 63 -15.25 -3.51 -10.45
N ARG E 64 -15.03 -3.27 -9.15
CA ARG E 64 -13.74 -2.78 -8.68
C ARG E 64 -12.66 -3.85 -8.71
N PHE E 65 -13.02 -5.10 -8.99
CA PHE E 65 -12.08 -6.22 -8.99
C PHE E 65 -11.78 -6.62 -10.43
N SER E 66 -10.50 -6.62 -10.80
CA SER E 66 -10.07 -7.11 -12.11
C SER E 66 -9.17 -8.33 -11.90
N ALA E 67 -9.04 -9.13 -12.95
CA ALA E 67 -8.24 -10.34 -12.83
C ALA E 67 -7.73 -10.74 -14.21
N GLN E 68 -6.68 -11.55 -14.21
CA GLN E 68 -6.05 -11.95 -15.47
C GLN E 68 -5.26 -13.23 -15.25
N GLN E 69 -5.13 -14.02 -16.31
CA GLN E 69 -4.24 -15.17 -16.34
C GLN E 69 -3.28 -15.01 -17.51
N PHE E 70 -1.98 -14.98 -17.21
CA PHE E 70 -0.95 -14.79 -18.22
C PHE E 70 -0.66 -16.09 -18.95
N PRO E 71 -0.05 -16.02 -20.14
CA PRO E 71 0.22 -17.25 -20.90
C PRO E 71 1.15 -18.23 -20.20
N ASP E 72 1.89 -17.80 -19.17
CA ASP E 72 2.69 -18.72 -18.38
C ASP E 72 1.88 -19.37 -17.26
N LEU E 73 0.54 -19.33 -17.37
CA LEU E 73 -0.44 -19.98 -16.51
C LEU E 73 -0.55 -19.36 -15.12
N HIS E 74 0.26 -18.35 -14.79
CA HIS E 74 0.13 -17.68 -13.51
C HIS E 74 -0.83 -16.51 -13.62
N SER E 75 -1.55 -16.23 -12.54
CA SER E 75 -2.65 -15.28 -12.55
C SER E 75 -2.41 -14.15 -11.57
N GLU E 76 -3.12 -13.04 -11.81
CA GLU E 76 -3.07 -11.87 -10.95
C GLU E 76 -4.48 -11.36 -10.71
N LEU E 77 -4.74 -10.94 -9.48
CA LEU E 77 -6.03 -10.40 -9.07
C LEU E 77 -5.82 -9.02 -8.47
N ASN E 78 -6.38 -7.99 -9.11
CA ASN E 78 -6.19 -6.61 -8.72
C ASN E 78 -7.47 -6.07 -8.07
N LEU E 79 -7.34 -5.52 -6.87
CA LEU E 79 -8.45 -4.93 -6.15
C LEU E 79 -8.24 -3.44 -6.02
N SER E 80 -9.29 -2.66 -6.28
CA SER E 80 -9.22 -1.21 -6.28
C SER E 80 -10.31 -0.63 -5.39
N SER E 81 -10.07 0.57 -4.89
CA SER E 81 -10.99 1.29 -4.01
C SER E 81 -11.40 0.40 -2.83
N LEU E 82 -10.40 0.01 -2.05
CA LEU E 82 -10.61 -0.93 -0.97
C LEU E 82 -11.48 -0.34 0.13
N GLU E 83 -12.39 -1.15 0.65
CA GLU E 83 -13.26 -0.79 1.76
C GLU E 83 -12.96 -1.69 2.95
N LEU E 84 -13.48 -1.30 4.11
CA LEU E 84 -13.29 -2.10 5.32
C LEU E 84 -13.88 -3.50 5.14
N GLY E 85 -15.05 -3.59 4.51
CA GLY E 85 -15.66 -4.87 4.26
C GLY E 85 -14.90 -5.75 3.30
N ASP E 86 -13.91 -5.21 2.59
CA ASP E 86 -13.10 -6.00 1.68
C ASP E 86 -12.00 -6.79 2.40
N SER E 87 -11.84 -6.59 3.70
CA SER E 87 -10.86 -7.35 4.48
C SER E 87 -11.32 -8.79 4.62
N ALA E 88 -10.64 -9.70 3.94
CA ALA E 88 -11.00 -11.12 3.96
C ALA E 88 -9.76 -11.93 3.62
N LEU E 89 -9.95 -13.23 3.44
CA LEU E 89 -8.87 -14.15 3.09
C LEU E 89 -9.10 -14.66 1.68
N TYR E 90 -8.20 -14.31 0.76
CA TYR E 90 -8.36 -14.60 -0.65
C TYR E 90 -7.53 -15.84 -1.01
N PHE E 91 -8.21 -16.87 -1.52
CA PHE E 91 -7.59 -18.14 -1.84
C PHE E 91 -7.50 -18.33 -3.35
N CYS E 92 -6.42 -19.00 -3.77
CA CYS E 92 -6.20 -19.34 -5.17
C CYS E 92 -6.04 -20.85 -5.28
N ALA E 93 -6.90 -21.46 -6.09
CA ALA E 93 -6.85 -22.91 -6.32
C ALA E 93 -6.56 -23.18 -7.78
N SER E 94 -6.10 -24.40 -8.06
CA SER E 94 -5.78 -24.79 -9.44
C SER E 94 -6.32 -26.18 -9.69
N SER E 95 -7.17 -26.30 -10.72
CA SER E 95 -7.62 -27.60 -11.20
C SER E 95 -7.41 -27.64 -12.70
N GLY E 96 -7.95 -28.66 -13.36
CA GLY E 96 -7.71 -28.81 -14.79
C GLY E 96 -6.35 -29.40 -15.04
N LEU E 97 -6.26 -30.33 -15.99
CA LEU E 97 -5.04 -31.10 -16.21
C LEU E 97 -4.55 -30.84 -17.63
N ALA E 98 -3.31 -30.41 -17.75
CA ALA E 98 -2.76 -30.07 -19.06
C ALA E 98 -2.73 -31.29 -19.96
N GLY E 99 -2.66 -31.03 -21.27
CA GLY E 99 -2.63 -32.10 -22.24
C GLY E 99 -1.37 -32.94 -22.11
N GLY E 100 -1.51 -34.23 -22.39
CA GLY E 100 -0.39 -35.13 -22.36
C GLY E 100 -0.46 -36.12 -21.21
N PRO E 101 0.64 -36.83 -20.96
CA PRO E 101 0.66 -37.85 -19.90
C PRO E 101 0.87 -37.26 -18.51
N VAL E 102 0.64 -35.95 -18.36
CA VAL E 102 0.83 -35.30 -17.07
C VAL E 102 -0.04 -35.97 -16.01
N SER E 103 0.58 -36.39 -14.92
CA SER E 103 -0.11 -37.03 -13.83
C SER E 103 -0.57 -36.01 -12.79
N GLY E 104 -1.54 -36.41 -11.99
CA GLY E 104 -2.12 -35.56 -10.98
C GLY E 104 -3.58 -35.88 -10.76
N ALA E 105 -4.06 -35.53 -9.58
CA ALA E 105 -5.45 -35.82 -9.21
C ALA E 105 -6.39 -34.77 -9.80
N ASN E 106 -7.56 -35.23 -10.24
CA ASN E 106 -8.59 -34.35 -10.78
C ASN E 106 -9.33 -33.66 -9.63
N VAL E 107 -8.59 -32.79 -8.94
CA VAL E 107 -9.09 -32.09 -7.77
C VAL E 107 -8.62 -30.63 -7.83
N LEU E 108 -9.22 -29.81 -6.97
CA LEU E 108 -8.75 -28.44 -6.77
C LEU E 108 -7.71 -28.43 -5.67
N THR E 109 -6.52 -27.93 -5.99
CA THR E 109 -5.43 -27.79 -5.03
C THR E 109 -5.36 -26.32 -4.62
N PHE E 110 -5.72 -26.05 -3.37
CA PHE E 110 -5.72 -24.68 -2.87
C PHE E 110 -4.32 -24.24 -2.46
N GLY E 111 -4.11 -22.92 -2.49
CA GLY E 111 -2.86 -22.33 -2.05
C GLY E 111 -2.92 -21.89 -0.60
N ALA E 112 -1.77 -21.44 -0.11
CA ALA E 112 -1.66 -21.06 1.30
C ALA E 112 -2.53 -19.87 1.67
N GLY E 113 -3.12 -19.19 0.69
CA GLY E 113 -3.95 -18.03 0.95
C GLY E 113 -3.15 -16.77 1.16
N SER E 114 -3.86 -15.64 1.12
CA SER E 114 -3.26 -14.32 1.32
C SER E 114 -4.26 -13.48 2.09
N ARG E 115 -3.92 -13.11 3.32
CA ARG E 115 -4.85 -12.39 4.19
C ARG E 115 -4.66 -10.89 4.00
N LEU E 116 -5.73 -10.22 3.56
CA LEU E 116 -5.74 -8.77 3.36
C LEU E 116 -6.61 -8.12 4.42
N THR E 117 -6.06 -7.12 5.10
CA THR E 117 -6.78 -6.35 6.09
C THR E 117 -6.77 -4.88 5.67
N VAL E 118 -7.96 -4.31 5.49
CA VAL E 118 -8.12 -2.91 5.10
C VAL E 118 -8.44 -2.10 6.36
N LEU E 119 -7.66 -1.05 6.59
CA LEU E 119 -7.83 -0.17 7.74
C LEU E 119 -8.18 1.23 7.26
N GLU E 120 -8.89 1.97 8.12
CA GLU E 120 -9.14 3.38 7.81
C GLU E 120 -7.88 4.21 7.92
N ASP E 121 -6.99 3.84 8.84
CA ASP E 121 -5.69 4.49 8.98
C ASP E 121 -4.71 3.49 9.58
N LEU E 122 -3.47 3.53 9.11
CA LEU E 122 -2.44 2.61 9.57
C LEU E 122 -1.75 3.05 10.86
N ASN E 123 -2.22 4.14 11.46
CA ASN E 123 -1.60 4.66 12.67
C ASN E 123 -1.94 3.84 13.92
N LYS E 124 -2.73 2.77 13.78
CA LYS E 124 -3.11 1.93 14.90
C LYS E 124 -2.51 0.53 14.80
N VAL E 125 -1.42 0.38 14.06
CA VAL E 125 -0.73 -0.90 13.92
C VAL E 125 0.41 -0.95 14.93
N PHE E 126 0.41 -1.99 15.78
CA PHE E 126 1.40 -2.10 16.83
C PHE E 126 1.97 -3.51 16.90
N PRO E 127 3.28 -3.63 17.08
CA PRO E 127 3.89 -4.96 17.26
C PRO E 127 3.58 -5.51 18.64
N PRO E 128 3.77 -6.81 18.86
CA PRO E 128 3.46 -7.40 20.16
C PRO E 128 4.64 -7.35 21.12
N GLU E 129 4.32 -7.37 22.41
CA GLU E 129 5.30 -7.52 23.49
C GLU E 129 5.19 -8.93 24.05
N VAL E 130 6.33 -9.62 24.13
CA VAL E 130 6.37 -11.03 24.49
C VAL E 130 7.06 -11.18 25.84
N ALA E 131 6.46 -11.97 26.73
CA ALA E 131 7.04 -12.24 28.04
C ALA E 131 6.82 -13.70 28.42
N VAL E 132 7.83 -14.30 29.03
CA VAL E 132 7.78 -15.70 29.45
C VAL E 132 7.68 -15.77 30.97
N PHE E 133 6.72 -16.53 31.46
CA PHE E 133 6.50 -16.76 32.88
C PHE E 133 6.89 -18.19 33.23
N GLU E 134 7.75 -18.33 34.24
CA GLU E 134 8.39 -19.58 34.64
C GLU E 134 7.47 -20.39 35.55
N PRO E 135 7.62 -21.72 35.56
CA PRO E 135 6.75 -22.55 36.38
C PRO E 135 6.90 -22.25 37.86
N SER E 136 5.81 -22.43 38.60
CA SER E 136 5.80 -22.18 40.03
C SER E 136 6.43 -23.35 40.78
N GLU E 137 6.91 -23.05 42.00
CA GLU E 137 7.42 -24.11 42.86
C GLU E 137 6.33 -25.10 43.23
N ALA E 138 5.06 -24.65 43.24
CA ALA E 138 3.97 -25.52 43.64
C ALA E 138 3.73 -26.64 42.62
N GLU E 139 3.82 -26.33 41.34
CA GLU E 139 3.54 -27.32 40.31
C GLU E 139 4.63 -28.39 40.25
N ILE E 140 5.88 -28.01 40.50
CA ILE E 140 6.98 -28.98 40.44
C ILE E 140 6.80 -30.05 41.50
N SER E 141 6.31 -29.65 42.68
CA SER E 141 6.17 -30.58 43.80
C SER E 141 4.81 -31.26 43.83
N HIS E 142 3.79 -30.66 43.22
CA HIS E 142 2.43 -31.21 43.29
C HIS E 142 2.14 -32.23 42.20
N THR E 143 2.57 -31.96 40.96
CA THR E 143 2.29 -32.84 39.84
C THR E 143 3.54 -33.37 39.14
N GLN E 144 4.73 -33.04 39.64
CA GLN E 144 6.00 -33.48 39.04
C GLN E 144 6.12 -33.03 37.59
N LYS E 145 5.55 -31.86 37.27
CA LYS E 145 5.62 -31.28 35.93
C LYS E 145 6.10 -29.83 36.05
N ALA E 146 6.20 -29.16 34.90
CA ALA E 146 6.62 -27.76 34.86
C ALA E 146 6.04 -27.13 33.59
N THR E 147 5.23 -26.11 33.76
CA THR E 147 4.52 -25.47 32.65
C THR E 147 4.96 -24.02 32.53
N LEU E 148 5.69 -23.70 31.47
CA LEU E 148 6.04 -22.33 31.15
C LEU E 148 4.93 -21.69 30.32
N VAL E 149 4.67 -20.42 30.57
CA VAL E 149 3.63 -19.69 29.86
C VAL E 149 4.27 -18.55 29.07
N CYS E 150 3.72 -18.25 27.91
CA CYS E 150 4.18 -17.16 27.07
C CYS E 150 3.00 -16.25 26.77
N LEU E 151 3.19 -14.96 26.98
CA LEU E 151 2.13 -13.96 26.82
C LEU E 151 2.62 -12.90 25.86
N ALA E 152 1.93 -12.76 24.73
CA ALA E 152 2.23 -11.74 23.73
C ALA E 152 1.04 -10.79 23.66
N THR E 153 1.24 -9.55 24.10
CA THR E 153 0.15 -8.60 24.29
C THR E 153 0.39 -7.33 23.49
N GLY E 154 -0.72 -6.64 23.19
CA GLY E 154 -0.66 -5.28 22.66
C GLY E 154 -0.30 -5.16 21.20
N PHE E 155 -0.97 -5.93 20.34
CA PHE E 155 -0.65 -5.95 18.92
C PHE E 155 -1.94 -5.81 18.10
N PHE E 156 -1.78 -5.30 16.88
CA PHE E 156 -2.87 -5.09 15.94
C PHE E 156 -2.22 -4.89 14.58
N PRO E 157 -2.73 -5.53 13.52
CA PRO E 157 -3.89 -6.40 13.47
C PRO E 157 -3.65 -7.82 13.99
N ASP E 158 -4.52 -8.75 13.59
CA ASP E 158 -4.54 -10.10 14.12
C ASP E 158 -3.39 -10.97 13.65
N HIS E 159 -2.65 -10.58 12.61
CA HIS E 159 -1.61 -11.43 12.03
C HIS E 159 -0.51 -11.77 13.04
N VAL E 160 -0.38 -13.05 13.41
CA VAL E 160 0.59 -13.46 14.42
C VAL E 160 0.75 -14.97 14.36
N GLU E 161 1.97 -15.44 14.64
CA GLU E 161 2.27 -16.87 14.71
C GLU E 161 3.22 -17.13 15.86
N LEU E 162 2.83 -17.99 16.79
CA LEU E 162 3.59 -18.25 18.01
C LEU E 162 4.21 -19.64 17.96
N SER E 163 5.44 -19.76 18.48
CA SER E 163 6.15 -21.03 18.48
C SER E 163 7.09 -21.09 19.68
N TRP E 164 7.52 -22.31 19.99
CA TRP E 164 8.42 -22.59 21.11
C TRP E 164 9.69 -23.26 20.58
N TRP E 165 10.84 -22.79 21.06
CA TRP E 165 12.14 -23.31 20.63
C TRP E 165 12.94 -23.70 21.86
N VAL E 166 13.23 -24.99 22.00
CA VAL E 166 14.07 -25.50 23.07
C VAL E 166 15.46 -25.75 22.50
N ASN E 167 16.45 -25.06 23.05
CA ASN E 167 17.85 -25.21 22.67
C ASN E 167 18.07 -25.01 21.16
N GLY E 168 17.20 -24.23 20.53
CA GLY E 168 17.32 -23.95 19.12
C GLY E 168 16.47 -24.82 18.21
N LYS E 169 15.74 -25.79 18.77
CA LYS E 169 14.89 -26.67 17.98
C LYS E 169 13.43 -26.37 18.29
N GLU E 170 12.63 -26.16 17.24
CA GLU E 170 11.21 -25.88 17.43
C GLU E 170 10.50 -27.13 17.94
N VAL E 171 9.88 -27.01 19.10
CA VAL E 171 9.23 -28.14 19.76
C VAL E 171 7.73 -28.04 19.58
N HIS E 172 7.08 -29.20 19.47
CA HIS E 172 5.63 -29.28 19.36
C HIS E 172 4.98 -30.20 20.39
N SER E 173 5.73 -31.12 20.99
CA SER E 173 5.16 -32.00 22.01
C SER E 173 4.93 -31.23 23.29
N GLY E 174 3.73 -31.36 23.85
CA GLY E 174 3.40 -30.65 25.07
C GLY E 174 3.25 -29.15 24.89
N VAL E 175 2.81 -28.71 23.73
CA VAL E 175 2.63 -27.29 23.42
C VAL E 175 1.16 -27.04 23.12
N CYS E 176 0.63 -25.95 23.64
CA CYS E 176 -0.74 -25.54 23.31
C CYS E 176 -0.82 -24.02 23.22
N THR E 177 -1.32 -23.52 22.09
CA THR E 177 -1.49 -22.10 21.86
C THR E 177 -2.98 -21.78 21.76
N ASP E 178 -3.33 -20.55 22.16
CA ASP E 178 -4.73 -20.14 22.16
C ASP E 178 -5.28 -20.10 20.74
N PRO E 179 -6.53 -20.54 20.54
CA PRO E 179 -7.12 -20.48 19.19
C PRO E 179 -7.31 -19.06 18.68
N GLN E 180 -7.98 -18.23 19.48
CA GLN E 180 -8.28 -16.87 19.10
C GLN E 180 -7.65 -15.88 20.06
N PRO E 181 -7.09 -14.78 19.56
CA PRO E 181 -6.56 -13.75 20.45
C PRO E 181 -7.69 -13.02 21.18
N LEU E 182 -7.35 -12.47 22.34
CA LEU E 182 -8.31 -11.81 23.22
C LEU E 182 -8.24 -10.31 23.00
N LYS E 183 -9.36 -9.70 22.60
CA LYS E 183 -9.41 -8.26 22.42
C LYS E 183 -9.30 -7.57 23.77
N GLU E 184 -8.29 -6.71 23.91
CA GLU E 184 -8.04 -6.04 25.20
C GLU E 184 -9.23 -5.18 25.62
N GLN E 185 -9.73 -4.34 24.72
CA GLN E 185 -10.95 -3.57 24.94
C GLN E 185 -11.98 -4.01 23.93
N PRO E 186 -12.87 -4.96 24.29
CA PRO E 186 -13.85 -5.46 23.31
C PRO E 186 -14.83 -4.41 22.80
N ALA E 187 -14.82 -3.20 23.37
CA ALA E 187 -15.71 -2.14 22.91
C ALA E 187 -15.14 -1.34 21.75
N LEU E 188 -13.82 -1.16 21.72
CA LEU E 188 -13.19 -0.40 20.65
C LEU E 188 -13.11 -1.24 19.37
N ASN E 189 -13.40 -0.60 18.24
CA ASN E 189 -13.33 -1.28 16.96
C ASN E 189 -11.89 -1.61 16.57
N ASP E 190 -10.95 -0.76 16.95
CA ASP E 190 -9.53 -0.91 16.59
C ASP E 190 -8.69 -1.24 17.82
N SER E 191 -9.24 -2.05 18.72
CA SER E 191 -8.51 -2.44 19.92
C SER E 191 -7.38 -3.41 19.57
N ARG E 192 -6.44 -3.54 20.49
CA ARG E 192 -5.33 -4.47 20.33
C ARG E 192 -5.74 -5.85 20.83
N TYR E 193 -4.84 -6.81 20.68
CA TYR E 193 -5.12 -8.20 21.03
C TYR E 193 -4.00 -8.75 21.91
N SER E 194 -4.28 -9.91 22.49
CA SER E 194 -3.30 -10.63 23.31
C SER E 194 -3.44 -12.12 23.03
N LEU E 195 -2.37 -12.85 23.31
CA LEU E 195 -2.31 -14.28 23.01
C LEU E 195 -1.46 -14.97 24.06
N SER E 196 -1.83 -16.20 24.40
CA SER E 196 -1.13 -16.98 25.41
C SER E 196 -0.82 -18.36 24.87
N SER E 197 0.32 -18.90 25.27
CA SER E 197 0.74 -20.25 24.89
C SER E 197 1.39 -20.92 26.09
N ARG E 198 1.38 -22.26 26.09
CA ARG E 198 1.85 -23.03 27.23
C ARG E 198 2.70 -24.19 26.75
N LEU E 199 3.82 -24.42 27.44
CA LEU E 199 4.72 -25.52 27.15
C LEU E 199 4.98 -26.28 28.45
N ARG E 200 4.68 -27.57 28.45
CA ARG E 200 4.75 -28.39 29.66
C ARG E 200 5.77 -29.49 29.47
N VAL E 201 6.74 -29.56 30.38
CA VAL E 201 7.75 -30.62 30.39
C VAL E 201 7.77 -31.23 31.79
N SER E 202 8.63 -32.24 31.97
CA SER E 202 8.75 -32.87 33.28
C SER E 202 9.43 -31.92 34.26
N ALA E 203 9.26 -32.21 35.55
CA ALA E 203 9.83 -31.35 36.59
C ALA E 203 11.34 -31.37 36.56
N THR E 204 11.94 -32.57 36.44
CA THR E 204 13.40 -32.66 36.43
C THR E 204 14.00 -32.01 35.19
N PHE E 205 13.23 -31.93 34.10
CA PHE E 205 13.75 -31.30 32.89
C PHE E 205 13.88 -29.79 33.06
N TRP E 206 12.90 -29.16 33.71
CA TRP E 206 12.99 -27.72 33.98
C TRP E 206 14.03 -27.42 35.06
N GLN E 207 14.23 -28.35 36.00
CA GLN E 207 15.23 -28.15 37.05
C GLN E 207 16.65 -28.15 36.51
N ASN E 208 16.85 -28.54 35.25
CA ASN E 208 18.16 -28.47 34.63
C ASN E 208 18.47 -27.03 34.26
N PRO E 209 19.50 -26.41 34.84
CA PRO E 209 19.77 -24.99 34.57
C PRO E 209 20.46 -24.72 33.24
N ARG E 210 20.69 -25.73 32.41
CA ARG E 210 21.35 -25.55 31.13
C ARG E 210 20.37 -25.59 29.96
N ASN E 211 19.07 -25.76 30.22
CA ASN E 211 18.06 -25.76 29.18
C ASN E 211 17.60 -24.33 28.91
N HIS E 212 17.52 -23.98 27.63
CA HIS E 212 17.15 -22.63 27.19
C HIS E 212 15.86 -22.72 26.39
N PHE E 213 14.79 -22.15 26.94
CA PHE E 213 13.48 -22.14 26.29
C PHE E 213 13.20 -20.74 25.76
N ARG E 214 12.86 -20.63 24.48
CA ARG E 214 12.53 -19.36 23.87
C ARG E 214 11.12 -19.42 23.30
N CYS E 215 10.36 -18.35 23.53
CA CYS E 215 9.06 -18.16 22.92
C CYS E 215 9.21 -17.15 21.80
N GLN E 216 8.83 -17.53 20.58
CA GLN E 216 9.01 -16.72 19.40
C GLN E 216 7.65 -16.33 18.82
N VAL E 217 7.48 -15.05 18.54
CA VAL E 217 6.24 -14.52 17.98
C VAL E 217 6.57 -13.81 16.69
N GLN E 218 6.12 -14.37 15.57
CA GLN E 218 6.26 -13.76 14.26
C GLN E 218 5.04 -12.88 14.02
N PHE E 219 5.27 -11.57 13.94
CA PHE E 219 4.21 -10.60 13.69
C PHE E 219 4.33 -10.09 12.26
N TYR E 220 3.24 -10.19 11.51
CA TYR E 220 3.20 -9.71 10.14
C TYR E 220 2.62 -8.30 10.13
N GLY E 221 3.39 -7.36 9.59
CA GLY E 221 2.97 -5.97 9.52
C GLY E 221 3.31 -5.32 8.20
N LEU E 222 3.75 -4.06 8.25
CA LEU E 222 4.08 -3.33 7.03
C LEU E 222 5.27 -3.99 6.33
N SER E 223 5.28 -3.92 5.00
CA SER E 223 6.26 -4.62 4.18
C SER E 223 7.49 -3.76 3.87
N GLU E 224 7.82 -2.82 4.75
CA GLU E 224 8.94 -1.89 4.58
C GLU E 224 8.84 -1.06 3.32
N ASN E 225 7.67 -1.05 2.67
CA ASN E 225 7.40 -0.17 1.54
C ASN E 225 6.34 0.87 1.85
N ASP E 226 5.58 0.68 2.92
CA ASP E 226 4.58 1.65 3.33
C ASP E 226 5.25 2.85 3.99
N GLU E 227 4.64 4.02 3.81
CA GLU E 227 5.16 5.23 4.42
C GLU E 227 4.80 5.30 5.90
N TRP E 228 5.73 5.80 6.71
CA TRP E 228 5.54 5.88 8.16
C TRP E 228 6.01 7.26 8.63
N THR E 229 5.09 8.03 9.19
CA THR E 229 5.36 9.41 9.58
C THR E 229 5.63 9.58 11.06
N GLN E 230 4.94 8.83 11.92
CA GLN E 230 5.11 9.00 13.36
C GLN E 230 6.52 8.57 13.79
N ASP E 231 6.94 9.13 14.93
CA ASP E 231 8.33 9.00 15.37
C ASP E 231 8.68 7.62 15.90
N ARG E 232 7.70 6.78 16.21
CA ARG E 232 8.01 5.45 16.69
C ARG E 232 8.47 4.57 15.53
N ALA E 233 9.01 3.40 15.87
CA ALA E 233 9.58 2.51 14.88
C ALA E 233 8.50 1.92 13.98
N LYS E 234 8.88 1.60 12.75
CA LYS E 234 7.96 1.01 11.78
C LYS E 234 7.43 -0.32 12.28
N PRO E 235 6.12 -0.46 12.47
CA PRO E 235 5.57 -1.79 12.83
C PRO E 235 5.58 -2.73 11.63
N VAL E 236 6.76 -3.22 11.28
CA VAL E 236 6.94 -4.05 10.10
C VAL E 236 6.96 -5.51 10.53
N THR E 237 6.85 -6.41 9.55
CA THR E 237 6.93 -7.85 9.79
C THR E 237 8.23 -8.18 10.51
N GLN E 238 8.12 -8.67 11.74
CA GLN E 238 9.30 -8.88 12.58
C GLN E 238 9.05 -10.07 13.51
N ILE E 239 10.03 -10.35 14.35
CA ILE E 239 9.97 -11.46 15.31
C ILE E 239 10.35 -10.93 16.67
N VAL E 240 9.49 -11.17 17.67
CA VAL E 240 9.77 -10.80 19.05
C VAL E 240 9.90 -12.09 19.86
N SER E 241 10.99 -12.20 20.60
CA SER E 241 11.29 -13.41 21.34
C SER E 241 11.51 -13.11 22.80
N ALA E 242 11.18 -14.09 23.64
CA ALA E 242 11.40 -14.01 25.08
C ALA E 242 12.03 -15.32 25.54
N GLU E 243 13.21 -15.22 26.14
CA GLU E 243 13.98 -16.39 26.55
C GLU E 243 13.86 -16.64 28.04
N ALA E 244 14.23 -17.85 28.45
CA ALA E 244 14.19 -18.25 29.85
C ALA E 244 15.08 -19.47 30.05
N TRP E 245 15.87 -19.44 31.11
CA TRP E 245 16.70 -20.57 31.50
C TRP E 245 16.04 -21.33 32.65
N GLY E 246 16.57 -22.51 32.94
CA GLY E 246 16.02 -23.34 34.00
C GLY E 246 16.57 -22.98 35.37
N ARG E 247 15.69 -23.04 36.37
CA ARG E 247 16.09 -22.83 37.76
C ARG E 247 16.33 -24.16 38.44
N ALA E 248 17.22 -24.15 39.44
CA ALA E 248 17.53 -25.35 40.20
C ALA E 248 16.77 -25.43 41.52
N ASP E 249 16.36 -24.31 42.09
CA ASP E 249 15.64 -24.30 43.36
C ASP E 249 14.22 -24.85 43.21
#